data_6C9J
#
_entry.id   6C9J
#
_cell.length_a   123.296
_cell.length_b   123.296
_cell.length_c   404.921
_cell.angle_alpha   90.00
_cell.angle_beta   90.00
_cell.angle_gamma   120.00
#
_symmetry.space_group_name_H-M   'P 61 2 2'
#
loop_
_entity.id
_entity.type
_entity.pdbx_description
1 polymer "5'-AMP-activated protein kinase catalytic subunit alpha-1"
2 polymer "5'-AMP-activated protein kinase subunit beta-1"
3 polymer "5'-AMP-activated protein kinase subunit gamma-1"
4 non-polymer 5-{[6-chloro-5-(1-methyl-1H-indol-5-yl)-1H-benzimidazol-2-yl]oxy}-N-hydroxy-2-methylbenzamide
5 non-polymer STAUROSPORINE
6 non-polymer 'ADENOSINE MONOPHOSPHATE'
#
loop_
_entity_poly.entity_id
_entity_poly.type
_entity_poly.pdbx_seq_one_letter_code
_entity_poly.pdbx_strand_id
1 'polypeptide(L)'
;MGHHHHHHGSVKIGHYILGDTLGVGTFGKVKVGKHELTGHKVAVKILNRQKIRSLDVVGKIRREIQNLKLFRHPHIIKLY
QVISTPSDIFMVMEYVSGGELFDYICKNGRLDEKESRRLFQQILSGVDYCHRHMVVHRDLKPENVLLDAHMNAKIADFGL
SNMMSDGEFLR(TPO)SCGSPNYAAPEVISGRLYAGPEVDIWSSGVILYALLCGTLPFDDDHVPTLFKKICDGIFYTPQY
LNPSVISLLKHMLQVDPMKRATIKDIREHEWFKQDLPKYLFPEDPSYSSTMIDDEALKEVCEKFECSEEEVLSCLYNRNH
QDPLAVAYHLIIDNRRIMNEAKDFYLATSPPDSFLDDHHLTRPHPERVPFLVAETPRARHTLDELNPQKSKHQGVRKAKW
HLGIRSQSRPNDIMAEVCRAIKQLDYEWKVVNPYYLRVRRKNPVTSTYSKMSLQLYQVDSRTYLLDFRSIDDELTPRPGS
HTIEFFEMCANLIKILAQ
;
A
2 'polypeptide(L)'
;MEVNDKAPAQARPTVFRWTGGGKEVYLSGSFNNWSKLPLTRDHNNFVAILDLPEGEHQYKFFVDGQWTHDPSEPIVTSQL
GTVNNIIQVKKTDFEVFDALMVDSQKCSDVSELSSSPPGPYHQEPYVCKPEERFRAPPILPPHLLQVILNKDTGISCDPA
LLPEPNHVMLNHLYALSIKDGVMVLSATHRYKKKYVTTLLYKPI
;
B
3 'polypeptide(L)'
;METVISSDSSPAVENEHPQETPESNNSVYTSFMKSHRCYDLIPTSSKLVVFDTSLQVKKAFFALVTNGVRAAPLWDSKKQ
SFVGMLTITDFINILHRYYKSALVQIYELEEHKIETWREVYLQDSFKPLVCISPNASLFDAVSSLIRNKIHRLPVIDPES
GNTLYILTHKRILKFLKLFITEFPKPEFMSKSLEELQIGTYANIAMVRTTTPVYVALGIFVQHRVSALPVVDEKGRVVDI
YSKFDVINLAAEKTYNNLDVSVTKALQHRSHYFEGVLKCYLHETLETIINRLVEAEVHRLVVVDENDVVKGIVSLSDILQ
ALVLT
;
C
#
loop_
_chem_comp.id
_chem_comp.type
_chem_comp.name
_chem_comp.formula
AMP non-polymer 'ADENOSINE MONOPHOSPHATE' 'C10 H14 N5 O7 P'
R34 non-polymer 5-{[6-chloro-5-(1-methyl-1H-indol-5-yl)-1H-benzimidazol-2-yl]oxy}-N-hydroxy-2-methylbenzamide 'C24 H19 Cl N4 O3'
STU non-polymer STAUROSPORINE 'C28 H26 N4 O3'
#
# COMPACT_ATOMS: atom_id res chain seq x y z
N GLY A 9 -24.90 47.86 0.43
CA GLY A 9 -23.89 47.03 1.06
C GLY A 9 -24.13 45.54 0.87
N SER A 10 -23.99 45.08 -0.37
CA SER A 10 -24.17 43.67 -0.71
C SER A 10 -23.03 42.82 -0.15
N VAL A 11 -23.32 41.54 0.04
CA VAL A 11 -22.37 40.61 0.63
C VAL A 11 -21.36 40.22 -0.44
N LYS A 12 -20.08 40.42 -0.16
CA LYS A 12 -19.03 40.22 -1.17
C LYS A 12 -17.81 39.59 -0.51
N ILE A 13 -17.28 38.55 -1.13
CA ILE A 13 -16.13 37.82 -0.61
C ILE A 13 -15.13 37.65 -1.74
N GLY A 14 -13.97 38.28 -1.59
CA GLY A 14 -12.92 38.19 -2.60
C GLY A 14 -13.35 38.55 -4.00
N HIS A 15 -14.06 39.66 -4.16
CA HIS A 15 -14.55 40.20 -5.43
C HIS A 15 -15.77 39.45 -5.97
N TYR A 16 -16.19 38.36 -5.33
CA TYR A 16 -17.39 37.64 -5.73
C TYR A 16 -18.60 38.12 -4.94
N ILE A 17 -19.63 38.59 -5.63
CA ILE A 17 -20.85 39.07 -5.00
C ILE A 17 -21.76 37.87 -4.73
N LEU A 18 -22.03 37.61 -3.46
CA LEU A 18 -22.79 36.42 -3.10
C LEU A 18 -24.28 36.60 -3.36
N GLY A 19 -24.86 35.63 -4.07
CA GLY A 19 -26.26 35.63 -4.45
C GLY A 19 -27.14 34.64 -3.70
N ASP A 20 -28.13 34.12 -4.43
CA ASP A 20 -29.09 33.16 -3.90
C ASP A 20 -28.42 31.89 -3.38
N THR A 21 -29.07 31.27 -2.39
CA THR A 21 -28.65 29.98 -1.87
C THR A 21 -28.88 28.85 -2.86
N LEU A 22 -27.82 28.10 -3.16
CA LEU A 22 -27.95 26.93 -4.02
C LEU A 22 -28.51 25.73 -3.26
N GLY A 23 -28.14 25.59 -1.99
CA GLY A 23 -28.63 24.51 -1.16
C GLY A 23 -27.82 24.44 0.12
N VAL A 24 -28.21 23.49 0.97
CA VAL A 24 -27.48 23.22 2.21
C VAL A 24 -26.91 21.81 2.13
N GLY A 25 -25.60 21.71 2.35
CA GLY A 25 -24.89 20.45 2.21
C GLY A 25 -24.86 19.68 3.50
N THR A 26 -23.91 18.74 3.59
CA THR A 26 -23.75 17.96 4.80
C THR A 26 -23.35 18.86 5.97
N PHE A 27 -22.27 19.62 5.80
CA PHE A 27 -21.87 20.67 6.72
C PHE A 27 -22.01 22.02 6.02
N GLY A 28 -22.74 22.94 6.61
CA GLY A 28 -22.79 24.31 6.12
C GLY A 28 -23.73 24.55 4.94
N LYS A 29 -23.76 25.82 4.54
CA LYS A 29 -24.69 26.35 3.54
C LYS A 29 -23.92 26.77 2.29
N VAL A 30 -24.52 26.57 1.12
CA VAL A 30 -23.85 26.85 -0.16
C VAL A 30 -24.62 27.91 -0.96
N LYS A 31 -23.95 29.03 -1.25
CA LYS A 31 -24.54 30.12 -2.02
C LYS A 31 -23.74 30.37 -3.30
N VAL A 32 -24.46 30.80 -4.34
CA VAL A 32 -23.83 31.18 -5.59
C VAL A 32 -23.10 32.51 -5.40
N GLY A 33 -22.14 32.76 -6.28
CA GLY A 33 -21.43 34.04 -6.26
C GLY A 33 -21.03 34.40 -7.67
N LYS A 34 -20.85 35.70 -7.89
CA LYS A 34 -20.63 36.23 -9.23
C LYS A 34 -19.56 37.30 -9.18
N HIS A 35 -18.50 37.12 -9.97
CA HIS A 35 -17.37 38.04 -9.95
C HIS A 35 -17.83 39.43 -10.38
N GLU A 36 -17.47 40.44 -9.58
CA GLU A 36 -17.95 41.79 -9.82
C GLU A 36 -17.42 42.36 -11.13
N LEU A 37 -16.32 41.82 -11.65
CA LEU A 37 -15.73 42.30 -12.89
C LEU A 37 -16.05 41.40 -14.08
N THR A 38 -15.65 40.13 -14.01
CA THR A 38 -15.82 39.19 -15.11
C THR A 38 -17.18 38.52 -15.16
N GLY A 39 -17.91 38.46 -14.04
CA GLY A 39 -19.18 37.77 -14.04
C GLY A 39 -19.06 36.27 -13.89
N HIS A 40 -17.87 35.78 -13.57
CA HIS A 40 -17.64 34.36 -13.34
C HIS A 40 -18.42 33.88 -12.13
N LYS A 41 -19.11 32.75 -12.26
CA LYS A 41 -19.93 32.21 -11.18
C LYS A 41 -19.18 31.13 -10.42
N VAL A 42 -19.37 31.12 -9.10
CA VAL A 42 -18.79 30.11 -8.21
C VAL A 42 -19.85 29.67 -7.20
N ALA A 43 -19.63 28.47 -6.65
CA ALA A 43 -20.43 27.98 -5.54
C ALA A 43 -19.60 28.12 -4.27
N VAL A 44 -20.15 28.78 -3.25
CA VAL A 44 -19.42 29.06 -2.03
C VAL A 44 -20.04 28.30 -0.86
N LYS A 45 -19.32 27.30 -0.36
CA LYS A 45 -19.74 26.55 0.83
C LYS A 45 -19.30 27.35 2.06
N ILE A 46 -20.23 27.62 2.97
CA ILE A 46 -19.97 28.45 4.15
C ILE A 46 -19.99 27.58 5.41
N LEU A 47 -18.84 27.47 6.06
CA LEU A 47 -18.68 26.70 7.29
C LEU A 47 -18.49 27.66 8.46
N ASN A 48 -19.48 27.73 9.36
CA ASN A 48 -19.32 28.54 10.56
C ASN A 48 -18.35 27.86 11.52
N ARG A 49 -17.31 28.60 11.92
CA ARG A 49 -16.26 28.01 12.73
C ARG A 49 -16.79 27.54 14.08
N GLN A 50 -17.72 28.30 14.68
CA GLN A 50 -18.30 27.89 15.95
C GLN A 50 -19.16 26.65 15.79
N LYS A 51 -19.75 26.46 14.61
CA LYS A 51 -20.60 25.29 14.39
C LYS A 51 -19.75 24.04 14.18
N ILE A 52 -18.63 24.15 13.46
CA ILE A 52 -17.77 23.00 13.28
C ILE A 52 -16.96 22.73 14.54
N ARG A 53 -17.02 23.63 15.52
CA ARG A 53 -16.56 23.32 16.87
C ARG A 53 -17.60 22.53 17.65
N SER A 54 -18.87 22.95 17.59
CA SER A 54 -19.97 22.28 18.29
C SER A 54 -19.97 20.80 17.94
N LEU A 55 -20.30 20.49 16.69
CA LEU A 55 -20.02 19.18 16.16
C LEU A 55 -18.50 19.11 16.10
N ASP A 56 -17.88 18.07 16.65
CA ASP A 56 -16.43 18.10 16.66
C ASP A 56 -15.97 17.44 15.35
N VAL A 57 -15.92 18.26 14.30
CA VAL A 57 -15.49 17.87 12.98
C VAL A 57 -14.26 18.62 12.48
N VAL A 58 -13.66 19.50 13.29
CA VAL A 58 -12.60 20.39 12.80
C VAL A 58 -11.51 19.61 12.07
N GLY A 59 -11.20 18.40 12.55
CA GLY A 59 -10.25 17.56 11.84
C GLY A 59 -10.77 17.07 10.50
N LYS A 60 -12.02 16.61 10.46
CA LYS A 60 -12.64 16.22 9.20
C LYS A 60 -12.59 17.35 8.19
N ILE A 61 -12.92 18.57 8.62
CA ILE A 61 -12.91 19.74 7.74
C ILE A 61 -11.50 20.03 7.25
N ARG A 62 -10.52 19.86 8.14
CA ARG A 62 -9.13 20.13 7.77
C ARG A 62 -8.62 19.13 6.74
N ARG A 63 -8.93 17.84 6.91
CA ARG A 63 -8.53 16.84 5.93
C ARG A 63 -9.27 17.03 4.61
N GLU A 64 -10.57 17.32 4.68
CA GLU A 64 -11.35 17.59 3.47
C GLU A 64 -10.68 18.68 2.64
N ILE A 65 -10.28 19.78 3.29
CA ILE A 65 -9.62 20.88 2.59
C ILE A 65 -8.28 20.42 2.02
N GLN A 66 -7.45 19.78 2.85
CA GLN A 66 -6.11 19.37 2.42
C GLN A 66 -6.14 18.49 1.17
N ASN A 67 -7.01 17.47 1.16
CA ASN A 67 -7.07 16.55 0.04
C ASN A 67 -7.84 17.10 -1.16
N LEU A 68 -9.03 17.66 -0.92
CA LEU A 68 -9.83 18.14 -2.04
C LEU A 68 -9.18 19.32 -2.75
N LYS A 69 -8.28 20.04 -2.08
CA LYS A 69 -7.60 21.18 -2.69
C LYS A 69 -6.68 20.75 -3.83
N LEU A 70 -6.15 19.53 -3.76
CA LEU A 70 -5.24 19.03 -4.79
C LEU A 70 -5.97 18.37 -5.96
N PHE A 71 -7.24 18.05 -5.81
CA PHE A 71 -7.99 17.33 -6.83
C PHE A 71 -8.19 18.19 -8.09
N ARG A 72 -7.80 17.65 -9.23
CA ARG A 72 -8.20 18.18 -10.53
C ARG A 72 -8.76 17.03 -11.35
N HIS A 73 -10.06 17.07 -11.61
CA HIS A 73 -10.71 16.07 -12.43
C HIS A 73 -11.87 16.72 -13.17
N PRO A 74 -12.13 16.32 -14.42
CA PRO A 74 -13.24 16.93 -15.17
C PRO A 74 -14.58 16.79 -14.48
N HIS A 75 -14.83 15.63 -13.91
CA HIS A 75 -16.12 15.25 -13.34
C HIS A 75 -16.19 15.32 -11.81
N ILE A 76 -15.20 15.90 -11.14
CA ILE A 76 -15.31 16.26 -9.73
C ILE A 76 -15.29 17.78 -9.61
N ILE A 77 -16.21 18.32 -8.78
CA ILE A 77 -16.28 19.76 -8.56
C ILE A 77 -14.95 20.26 -7.99
N LYS A 78 -14.37 21.27 -8.64
CA LYS A 78 -13.07 21.78 -8.26
C LYS A 78 -13.16 22.78 -7.11
N LEU A 79 -12.22 22.68 -6.18
CA LEU A 79 -12.10 23.63 -5.08
C LEU A 79 -11.05 24.66 -5.46
N TYR A 80 -11.50 25.88 -5.76
CA TYR A 80 -10.61 26.93 -6.23
C TYR A 80 -9.81 27.55 -5.08
N GLN A 81 -10.47 27.96 -4.00
CA GLN A 81 -9.80 28.61 -2.89
C GLN A 81 -10.58 28.40 -1.59
N VAL A 82 -9.87 28.41 -0.48
CA VAL A 82 -10.48 28.40 0.85
C VAL A 82 -10.14 29.71 1.56
N ILE A 83 -11.16 30.53 1.81
CA ILE A 83 -10.97 31.83 2.47
C ILE A 83 -11.42 31.74 3.92
N SER A 84 -10.47 31.91 4.83
CA SER A 84 -10.77 31.87 6.26
C SER A 84 -10.98 33.29 6.77
N THR A 85 -12.03 33.46 7.57
CA THR A 85 -12.36 34.72 8.23
C THR A 85 -12.49 34.44 9.72
N PRO A 86 -12.50 35.48 10.56
CA PRO A 86 -12.60 35.23 12.01
C PRO A 86 -13.77 34.36 12.41
N SER A 87 -14.94 34.59 11.83
CA SER A 87 -16.14 33.82 12.13
C SER A 87 -16.42 32.63 11.23
N ASP A 88 -15.85 32.58 10.02
CA ASP A 88 -16.36 31.63 9.03
C ASP A 88 -15.25 31.18 8.06
N ILE A 89 -15.49 30.02 7.45
CA ILE A 89 -14.62 29.47 6.40
C ILE A 89 -15.42 29.43 5.10
N PHE A 90 -14.89 30.02 4.04
CA PHE A 90 -15.53 30.06 2.73
C PHE A 90 -14.79 29.17 1.74
N MET A 91 -15.40 28.06 1.34
CA MET A 91 -14.82 27.20 0.31
C MET A 91 -15.38 27.62 -1.04
N VAL A 92 -14.55 28.22 -1.88
CA VAL A 92 -14.97 28.69 -3.20
C VAL A 92 -14.77 27.58 -4.21
N MET A 93 -15.85 27.12 -4.82
CA MET A 93 -15.82 25.96 -5.71
C MET A 93 -16.37 26.32 -7.08
N GLU A 94 -16.10 25.46 -8.06
CA GLU A 94 -16.61 25.70 -9.40
C GLU A 94 -18.13 25.56 -9.39
N TYR A 95 -18.78 26.33 -10.26
CA TYR A 95 -20.23 26.34 -10.35
C TYR A 95 -20.69 25.70 -11.65
N VAL A 96 -21.73 24.87 -11.56
CA VAL A 96 -22.35 24.25 -12.72
C VAL A 96 -23.84 24.60 -12.74
N SER A 97 -24.35 24.91 -13.94
CA SER A 97 -25.69 25.46 -14.08
C SER A 97 -26.78 24.39 -14.26
N GLY A 98 -26.41 23.15 -14.54
CA GLY A 98 -27.40 22.13 -14.84
C GLY A 98 -28.14 21.62 -13.62
N GLY A 99 -27.63 21.96 -12.44
CA GLY A 99 -28.27 21.49 -11.23
C GLY A 99 -28.02 20.01 -11.01
N GLU A 100 -28.91 19.42 -10.23
CA GLU A 100 -28.75 18.03 -9.82
C GLU A 100 -29.13 17.10 -10.96
N LEU A 101 -28.42 15.97 -11.01
CA LEU A 101 -28.79 14.90 -11.92
C LEU A 101 -30.16 14.35 -11.54
N PHE A 102 -30.42 14.28 -10.23
CA PHE A 102 -31.70 13.82 -9.71
C PHE A 102 -32.84 14.62 -10.31
N ASP A 103 -32.75 15.96 -10.26
CA ASP A 103 -33.79 16.79 -10.84
C ASP A 103 -33.94 16.52 -12.34
N TYR A 104 -32.82 16.27 -13.02
CA TYR A 104 -32.87 16.01 -14.46
C TYR A 104 -33.68 14.76 -14.75
N ILE A 105 -33.44 13.68 -14.00
CA ILE A 105 -34.15 12.44 -14.22
C ILE A 105 -35.62 12.60 -13.85
N CYS A 106 -35.90 13.40 -12.81
CA CYS A 106 -37.28 13.68 -12.44
C CYS A 106 -38.05 14.31 -13.59
N LYS A 107 -37.45 15.31 -14.23
CA LYS A 107 -38.12 16.08 -15.28
C LYS A 107 -38.12 15.35 -16.63
N ASN A 108 -37.00 14.74 -17.01
CA ASN A 108 -36.89 14.08 -18.31
C ASN A 108 -37.08 12.57 -18.30
N GLY A 109 -37.25 11.95 -17.12
CA GLY A 109 -37.37 10.51 -17.08
C GLY A 109 -36.04 9.79 -17.29
N ARG A 110 -36.13 8.51 -17.62
CA ARG A 110 -34.95 7.70 -17.84
C ARG A 110 -34.17 8.20 -19.06
N LEU A 111 -32.87 7.93 -19.06
CA LEU A 111 -31.98 8.28 -20.15
C LEU A 111 -31.75 7.04 -21.01
N ASP A 112 -31.54 7.26 -22.31
CA ASP A 112 -31.38 6.11 -23.17
C ASP A 112 -30.05 5.43 -22.89
N GLU A 113 -29.80 4.31 -23.56
CA GLU A 113 -28.63 3.50 -23.25
C GLU A 113 -27.34 4.31 -23.43
N LYS A 114 -27.24 5.01 -24.56
CA LYS A 114 -26.02 5.75 -24.88
C LYS A 114 -25.77 6.91 -23.91
N GLU A 115 -26.82 7.65 -23.54
CA GLU A 115 -26.64 8.77 -22.62
C GLU A 115 -26.42 8.28 -21.20
N SER A 116 -27.07 7.18 -20.80
CA SER A 116 -26.80 6.61 -19.49
C SER A 116 -25.35 6.17 -19.38
N ARG A 117 -24.84 5.54 -20.44
CA ARG A 117 -23.46 5.07 -20.45
C ARG A 117 -22.48 6.24 -20.36
N ARG A 118 -22.71 7.29 -21.16
CA ARG A 118 -21.80 8.43 -21.15
C ARG A 118 -21.68 9.02 -19.76
N LEU A 119 -22.81 9.30 -19.12
CA LEU A 119 -22.79 9.89 -17.78
C LEU A 119 -22.18 8.93 -16.77
N PHE A 120 -22.42 7.63 -16.93
CA PHE A 120 -21.88 6.67 -15.98
C PHE A 120 -20.37 6.58 -16.09
N GLN A 121 -19.85 6.61 -17.32
CA GLN A 121 -18.40 6.63 -17.53
C GLN A 121 -17.77 7.84 -16.86
N GLN A 122 -18.41 9.01 -17.02
CA GLN A 122 -17.90 10.25 -16.41
C GLN A 122 -17.84 10.12 -14.88
N ILE A 123 -18.93 9.62 -14.28
CA ILE A 123 -18.99 9.50 -12.82
C ILE A 123 -17.95 8.51 -12.32
N LEU A 124 -17.91 7.34 -12.96
CA LEU A 124 -17.01 6.29 -12.50
C LEU A 124 -15.55 6.73 -12.62
N SER A 125 -15.23 7.53 -13.65
CA SER A 125 -13.89 8.12 -13.74
C SER A 125 -13.58 8.95 -12.51
N GLY A 126 -14.56 9.74 -12.04
CA GLY A 126 -14.36 10.52 -10.83
C GLY A 126 -14.26 9.64 -9.58
N VAL A 127 -15.12 8.63 -9.48
CA VAL A 127 -15.07 7.72 -8.34
C VAL A 127 -13.71 7.04 -8.28
N ASP A 128 -13.19 6.66 -9.45
CA ASP A 128 -11.87 6.04 -9.53
C ASP A 128 -10.80 7.01 -9.08
N TYR A 129 -10.82 8.22 -9.64
CA TYR A 129 -9.82 9.25 -9.29
C TYR A 129 -9.75 9.44 -7.79
N CYS A 130 -10.90 9.44 -7.11
CA CYS A 130 -10.91 9.57 -5.66
C CYS A 130 -10.18 8.41 -5.00
N HIS A 131 -10.53 7.18 -5.41
CA HIS A 131 -9.92 6.00 -4.79
C HIS A 131 -8.42 5.96 -5.02
N ARG A 132 -7.97 6.40 -6.20
CA ARG A 132 -6.54 6.44 -6.49
C ARG A 132 -5.84 7.37 -5.52
N HIS A 133 -6.54 8.41 -5.06
CA HIS A 133 -6.03 9.38 -4.12
C HIS A 133 -6.38 9.02 -2.69
N MET A 134 -6.90 7.81 -2.47
CA MET A 134 -7.19 7.25 -1.14
C MET A 134 -8.34 7.96 -0.46
N VAL A 135 -9.30 8.45 -1.24
CA VAL A 135 -10.48 9.14 -0.72
C VAL A 135 -11.72 8.34 -1.10
N VAL A 136 -12.68 8.27 -0.17
CA VAL A 136 -13.92 7.55 -0.37
C VAL A 136 -15.07 8.51 -0.07
N HIS A 137 -15.89 8.80 -1.09
CA HIS A 137 -17.01 9.73 -0.97
C HIS A 137 -18.04 9.25 0.06
N ARG A 138 -18.63 8.08 -0.18
CA ARG A 138 -19.69 7.41 0.57
C ARG A 138 -21.07 8.05 0.57
N ASP A 139 -21.25 9.25 0.01
CA ASP A 139 -22.58 9.81 -0.18
C ASP A 139 -23.09 9.76 -1.63
N LEU A 140 -22.43 9.03 -2.53
CA LEU A 140 -22.79 9.07 -3.96
C LEU A 140 -24.25 8.78 -4.22
N LYS A 141 -24.88 9.64 -5.04
CA LYS A 141 -26.29 9.57 -5.41
C LYS A 141 -26.61 10.67 -6.44
N PRO A 142 -27.72 10.55 -7.18
CA PRO A 142 -28.05 11.57 -8.18
C PRO A 142 -28.19 12.97 -7.61
N GLU A 143 -28.52 13.07 -6.32
CA GLU A 143 -28.66 14.38 -5.69
C GLU A 143 -27.30 15.07 -5.56
N ASN A 144 -26.22 14.31 -5.40
CA ASN A 144 -24.88 14.86 -5.30
C ASN A 144 -24.13 14.84 -6.62
N VAL A 145 -24.72 14.30 -7.69
CA VAL A 145 -24.13 14.38 -9.02
C VAL A 145 -24.68 15.61 -9.72
N LEU A 146 -23.80 16.55 -10.05
CA LEU A 146 -24.19 17.80 -10.68
C LEU A 146 -23.89 17.78 -12.17
N LEU A 147 -24.72 18.47 -12.94
CA LEU A 147 -24.56 18.60 -14.38
C LEU A 147 -24.14 20.01 -14.73
N ASP A 148 -23.24 20.15 -15.71
CA ASP A 148 -22.89 21.47 -16.19
C ASP A 148 -23.73 21.78 -17.42
N ALA A 149 -23.44 22.91 -18.06
CA ALA A 149 -24.25 23.35 -19.20
C ALA A 149 -24.29 22.31 -20.30
N HIS A 150 -23.25 21.52 -20.44
CA HIS A 150 -23.11 20.54 -21.51
C HIS A 150 -23.46 19.11 -21.09
N MET A 151 -24.08 18.92 -19.93
CA MET A 151 -24.44 17.60 -19.41
C MET A 151 -23.21 16.74 -19.06
N ASN A 152 -22.23 17.34 -18.40
CA ASN A 152 -21.11 16.59 -17.84
C ASN A 152 -21.32 16.40 -16.34
N ALA A 153 -21.22 15.15 -15.88
CA ALA A 153 -21.40 14.84 -14.49
C ALA A 153 -20.32 15.51 -13.64
N LYS A 154 -20.72 16.01 -12.47
CA LYS A 154 -19.77 16.59 -11.52
C LYS A 154 -20.10 16.12 -10.11
N ILE A 155 -19.17 15.40 -9.49
CA ILE A 155 -19.33 14.90 -8.14
C ILE A 155 -19.15 16.05 -7.16
N ALA A 156 -19.95 16.08 -6.10
CA ALA A 156 -19.84 17.11 -5.07
C ALA A 156 -20.25 16.53 -3.71
N ASP A 157 -20.19 17.39 -2.69
CA ASP A 157 -20.59 17.07 -1.32
C ASP A 157 -19.78 15.92 -0.69
N PHE A 158 -18.51 16.21 -0.45
CA PHE A 158 -17.60 15.26 0.17
C PHE A 158 -17.72 15.26 1.69
N GLY A 159 -18.73 15.97 2.22
CA GLY A 159 -18.93 16.05 3.66
C GLY A 159 -18.95 14.72 4.39
N LEU A 160 -19.50 13.68 3.77
CA LEU A 160 -19.56 12.37 4.40
C LEU A 160 -18.37 11.50 4.02
N SER A 161 -17.41 12.05 3.31
CA SER A 161 -16.29 11.24 2.85
C SER A 161 -15.38 10.89 4.02
N ASN A 162 -14.37 10.09 3.70
CA ASN A 162 -13.34 9.71 4.65
C ASN A 162 -12.11 9.33 3.85
N MET A 163 -11.03 9.02 4.54
CA MET A 163 -9.77 8.73 3.89
C MET A 163 -9.34 7.30 4.20
N MET A 164 -8.90 6.60 3.17
CA MET A 164 -8.44 5.22 3.34
C MET A 164 -7.02 5.18 3.87
N SER A 165 -6.79 4.32 4.85
CA SER A 165 -5.49 4.19 5.48
C SER A 165 -5.09 2.72 5.52
N ASP A 166 -3.79 2.47 5.34
CA ASP A 166 -3.29 1.10 5.23
C ASP A 166 -3.62 0.29 6.48
N GLY A 167 -4.28 -0.85 6.28
CA GLY A 167 -4.64 -1.74 7.35
C GLY A 167 -5.87 -1.31 8.13
N GLU A 168 -6.52 -0.24 7.73
CA GLU A 168 -7.63 0.35 8.47
C GLU A 168 -8.96 0.13 7.77
N PHE A 169 -9.97 -0.24 8.54
CA PHE A 169 -11.35 -0.25 8.06
C PHE A 169 -12.05 1.03 8.52
N LEU A 170 -13.28 1.20 8.05
CA LEU A 170 -14.09 2.37 8.37
C LEU A 170 -15.49 1.92 8.73
N ARG A 171 -15.95 2.27 9.93
CA ARG A 171 -17.31 1.93 10.35
C ARG A 171 -18.10 3.17 10.69
N TPO A 172 -18.93 3.59 9.75
CA TPO A 172 -19.83 4.72 9.93
CB TPO A 172 -19.07 6.05 9.78
CG2 TPO A 172 -20.08 7.19 9.90
OG1 TPO A 172 -18.12 6.23 10.82
P TPO A 172 -16.93 7.21 10.34
O1P TPO A 172 -17.27 8.64 10.48
O2P TPO A 172 -15.63 6.89 11.23
O3P TPO A 172 -16.60 6.88 8.80
C TPO A 172 -20.94 4.61 8.90
O TPO A 172 -20.70 4.92 7.73
N SER A 173 -22.13 4.17 9.30
CA SER A 173 -23.21 4.04 8.33
C SER A 173 -23.52 5.44 7.82
N CYS A 174 -23.34 5.62 6.51
CA CYS A 174 -23.36 6.93 5.87
C CYS A 174 -24.26 6.91 4.65
N GLY A 175 -24.76 8.09 4.28
CA GLY A 175 -25.52 8.24 3.06
C GLY A 175 -26.98 7.84 3.18
N SER A 176 -27.72 8.17 2.13
CA SER A 176 -29.13 7.80 2.07
C SER A 176 -29.29 6.28 1.99
N PRO A 177 -30.29 5.74 2.69
CA PRO A 177 -30.49 4.28 2.72
C PRO A 177 -30.55 3.62 1.36
N ASN A 178 -31.19 4.28 0.39
CA ASN A 178 -31.39 3.71 -0.93
C ASN A 178 -30.07 3.52 -1.67
N TYR A 179 -29.09 4.38 -1.41
CA TYR A 179 -27.79 4.30 -2.06
C TYR A 179 -26.73 3.63 -1.20
N ALA A 180 -27.10 3.13 -0.02
CA ALA A 180 -26.15 2.53 0.90
C ALA A 180 -25.99 1.04 0.64
N ALA A 181 -24.75 0.56 0.75
CA ALA A 181 -24.43 -0.85 0.60
C ALA A 181 -24.99 -1.67 1.75
N PRO A 182 -25.26 -2.97 1.52
CA PRO A 182 -25.82 -3.81 2.60
C PRO A 182 -24.99 -3.80 3.87
N GLU A 183 -23.66 -3.77 3.75
CA GLU A 183 -22.82 -3.73 4.94
C GLU A 183 -22.92 -2.39 5.65
N VAL A 184 -23.28 -1.33 4.92
CA VAL A 184 -23.40 0.00 5.52
C VAL A 184 -24.70 0.12 6.30
N ILE A 185 -25.81 -0.39 5.76
CA ILE A 185 -27.05 -0.35 6.53
C ILE A 185 -27.01 -1.39 7.64
N SER A 186 -26.14 -2.39 7.52
CA SER A 186 -25.97 -3.37 8.58
C SER A 186 -24.99 -2.89 9.65
N GLY A 187 -24.29 -1.77 9.38
CA GLY A 187 -23.36 -1.20 10.34
C GLY A 187 -22.11 -2.03 10.55
N ARG A 188 -21.56 -2.57 9.46
CA ARG A 188 -20.33 -3.36 9.54
C ARG A 188 -19.13 -2.56 9.05
N LEU A 189 -17.96 -3.20 9.12
CA LEU A 189 -16.71 -2.61 8.65
C LEU A 189 -16.56 -2.77 7.14
N TYR A 190 -15.89 -1.82 6.52
CA TYR A 190 -15.65 -1.88 5.07
C TYR A 190 -14.37 -1.13 4.70
N ALA A 191 -13.77 -1.53 3.57
CA ALA A 191 -12.59 -0.85 3.07
C ALA A 191 -12.98 0.51 2.48
N GLY A 192 -14.19 0.58 1.93
CA GLY A 192 -14.78 1.79 1.42
C GLY A 192 -14.92 1.98 -0.08
N PRO A 193 -14.07 1.38 -0.92
CA PRO A 193 -14.37 1.46 -2.35
C PRO A 193 -15.55 0.59 -2.76
N GLU A 194 -15.78 -0.51 -2.04
CA GLU A 194 -16.88 -1.40 -2.41
C GLU A 194 -18.22 -0.74 -2.14
N VAL A 195 -18.25 0.23 -1.21
CA VAL A 195 -19.47 0.98 -0.92
C VAL A 195 -19.75 1.97 -2.04
N ASP A 196 -18.74 2.75 -2.43
CA ASP A 196 -18.89 3.68 -3.54
C ASP A 196 -19.32 2.98 -4.82
N ILE A 197 -18.89 1.73 -5.00
CA ILE A 197 -19.27 1.00 -6.20
C ILE A 197 -20.75 0.60 -6.14
N TRP A 198 -21.19 0.10 -4.97
CA TRP A 198 -22.61 -0.18 -4.78
C TRP A 198 -23.44 1.06 -5.09
N SER A 199 -23.05 2.21 -4.53
CA SER A 199 -23.76 3.45 -4.79
C SER A 199 -23.77 3.76 -6.28
N SER A 200 -22.60 3.63 -6.93
CA SER A 200 -22.50 3.89 -8.37
C SER A 200 -23.39 2.94 -9.15
N GLY A 201 -23.57 1.72 -8.65
CA GLY A 201 -24.47 0.78 -9.29
C GLY A 201 -25.91 1.26 -9.23
N VAL A 202 -26.30 1.82 -8.09
CA VAL A 202 -27.65 2.34 -7.96
C VAL A 202 -27.85 3.55 -8.87
N ILE A 203 -26.83 4.42 -8.95
CA ILE A 203 -26.88 5.55 -9.87
C ILE A 203 -27.07 5.07 -11.29
N LEU A 204 -26.35 4.01 -11.68
CA LEU A 204 -26.49 3.48 -13.04
C LEU A 204 -27.91 2.99 -13.28
N TYR A 205 -28.47 2.28 -12.30
CA TYR A 205 -29.85 1.81 -12.42
C TYR A 205 -30.80 2.98 -12.60
N ALA A 206 -30.60 4.05 -11.82
CA ALA A 206 -31.47 5.22 -11.90
C ALA A 206 -31.39 5.89 -13.26
N LEU A 207 -30.19 5.95 -13.85
CA LEU A 207 -30.05 6.54 -15.18
C LEU A 207 -30.79 5.72 -16.22
N LEU A 208 -30.69 4.39 -16.14
CA LEU A 208 -31.28 3.49 -17.14
C LEU A 208 -32.78 3.37 -16.96
N CYS A 209 -33.25 3.10 -15.74
CA CYS A 209 -34.67 2.85 -15.50
C CYS A 209 -35.47 4.08 -15.06
N GLY A 210 -34.82 5.18 -14.66
CA GLY A 210 -35.58 6.32 -14.18
C GLY A 210 -36.23 6.13 -12.83
N THR A 211 -35.90 5.06 -12.11
CA THR A 211 -36.46 4.78 -10.80
C THR A 211 -35.33 4.22 -9.94
N LEU A 212 -35.69 3.73 -8.74
CA LEU A 212 -34.63 3.21 -7.89
C LEU A 212 -34.78 1.71 -7.68
N PRO A 213 -33.65 0.99 -7.62
CA PRO A 213 -33.73 -0.48 -7.50
C PRO A 213 -34.21 -0.93 -6.13
N PHE A 214 -33.78 -0.27 -5.07
CA PHE A 214 -34.20 -0.60 -3.72
C PHE A 214 -34.91 0.62 -3.15
N ASP A 215 -36.23 0.51 -3.06
CA ASP A 215 -37.05 1.59 -2.54
C ASP A 215 -38.36 1.00 -2.06
N ASP A 216 -38.89 1.59 -1.00
CA ASP A 216 -40.15 1.16 -0.42
C ASP A 216 -40.48 2.13 0.71
N ASP A 217 -41.76 2.24 1.03
CA ASP A 217 -42.17 3.14 2.10
C ASP A 217 -42.03 2.48 3.46
N HIS A 218 -41.99 1.15 3.48
CA HIS A 218 -41.79 0.38 4.71
C HIS A 218 -40.29 0.14 4.86
N VAL A 219 -39.68 0.79 5.86
CA VAL A 219 -38.23 0.76 6.00
C VAL A 219 -37.69 -0.65 6.27
N PRO A 220 -38.33 -1.49 7.09
CA PRO A 220 -37.87 -2.88 7.15
C PRO A 220 -37.89 -3.60 5.82
N THR A 221 -38.91 -3.37 4.98
CA THR A 221 -38.93 -4.00 3.67
C THR A 221 -37.78 -3.50 2.81
N LEU A 222 -37.49 -2.20 2.87
CA LEU A 222 -36.37 -1.64 2.13
C LEU A 222 -35.05 -2.30 2.53
N PHE A 223 -34.79 -2.39 3.84
CA PHE A 223 -33.53 -2.95 4.28
C PHE A 223 -33.41 -4.43 3.93
N LYS A 224 -34.54 -5.14 3.92
CA LYS A 224 -34.52 -6.54 3.49
C LYS A 224 -34.16 -6.64 2.02
N LYS A 225 -34.78 -5.81 1.18
CA LYS A 225 -34.48 -5.79 -0.25
C LYS A 225 -33.00 -5.55 -0.49
N ILE A 226 -32.39 -4.63 0.27
CA ILE A 226 -30.99 -4.30 0.11
C ILE A 226 -30.10 -5.46 0.54
N CYS A 227 -30.40 -6.05 1.70
CA CYS A 227 -29.58 -7.16 2.20
C CYS A 227 -29.83 -8.43 1.41
N ASP A 228 -31.00 -8.56 0.78
CA ASP A 228 -31.25 -9.66 -0.15
C ASP A 228 -30.63 -9.40 -1.51
N GLY A 229 -30.43 -8.14 -1.87
CA GLY A 229 -29.82 -7.79 -3.15
C GLY A 229 -30.74 -8.06 -4.32
N ILE A 230 -32.04 -7.91 -4.12
CA ILE A 230 -33.04 -8.25 -5.13
C ILE A 230 -33.71 -6.97 -5.61
N PHE A 231 -33.78 -6.82 -6.94
CA PHE A 231 -34.36 -5.66 -7.60
C PHE A 231 -34.95 -6.09 -8.94
N TYR A 232 -35.89 -5.31 -9.43
CA TYR A 232 -36.57 -5.64 -10.69
C TYR A 232 -35.75 -5.17 -11.89
N THR A 233 -35.71 -6.00 -12.94
CA THR A 233 -35.03 -5.61 -14.17
C THR A 233 -36.04 -5.46 -15.30
N PRO A 234 -36.32 -4.22 -15.71
CA PRO A 234 -37.25 -3.97 -16.82
C PRO A 234 -36.85 -4.70 -18.10
N GLN A 235 -37.87 -5.09 -18.87
CA GLN A 235 -37.63 -5.85 -20.09
C GLN A 235 -36.79 -5.05 -21.08
N TYR A 236 -36.89 -3.72 -21.06
CA TYR A 236 -36.18 -2.90 -22.02
C TYR A 236 -34.69 -2.78 -21.71
N LEU A 237 -34.24 -3.27 -20.56
CA LEU A 237 -32.82 -3.23 -20.21
C LEU A 237 -32.00 -4.19 -21.06
N ASN A 238 -30.84 -3.71 -21.48
CA ASN A 238 -29.88 -4.53 -22.20
C ASN A 238 -29.33 -5.64 -21.31
N PRO A 239 -29.42 -6.91 -21.73
CA PRO A 239 -28.87 -8.00 -20.93
C PRO A 239 -27.42 -7.77 -20.52
N SER A 240 -26.65 -7.08 -21.36
CA SER A 240 -25.26 -6.82 -21.04
C SER A 240 -25.13 -5.94 -19.81
N VAL A 241 -25.87 -4.83 -19.77
CA VAL A 241 -25.77 -3.93 -18.64
C VAL A 241 -26.47 -4.52 -17.43
N ILE A 242 -27.37 -5.49 -17.63
CA ILE A 242 -27.98 -6.18 -16.48
C ILE A 242 -26.92 -6.99 -15.75
N SER A 243 -26.05 -7.68 -16.49
CA SER A 243 -24.98 -8.42 -15.86
C SER A 243 -24.04 -7.49 -15.12
N LEU A 244 -23.81 -6.29 -15.68
CA LEU A 244 -22.98 -5.29 -15.02
C LEU A 244 -23.59 -4.88 -13.69
N LEU A 245 -24.89 -4.59 -13.69
CA LEU A 245 -25.58 -4.18 -12.46
C LEU A 245 -25.54 -5.29 -11.41
N LYS A 246 -25.78 -6.53 -11.83
CA LYS A 246 -25.76 -7.66 -10.90
C LYS A 246 -24.39 -7.80 -10.24
N HIS A 247 -23.32 -7.51 -10.98
CA HIS A 247 -21.98 -7.64 -10.40
C HIS A 247 -21.68 -6.49 -9.45
N MET A 248 -22.07 -5.26 -9.82
CA MET A 248 -21.85 -4.10 -8.95
C MET A 248 -22.72 -4.16 -7.70
N LEU A 249 -23.89 -4.79 -7.80
CA LEU A 249 -24.87 -4.87 -6.72
C LEU A 249 -24.80 -6.16 -5.91
N GLN A 250 -23.72 -6.94 -6.04
CA GLN A 250 -23.50 -8.09 -5.16
C GLN A 250 -23.55 -7.70 -3.69
N VAL A 251 -24.33 -8.47 -2.93
CA VAL A 251 -24.41 -8.27 -1.49
C VAL A 251 -23.07 -8.59 -0.84
N ASP A 252 -22.51 -9.73 -1.20
CA ASP A 252 -21.18 -10.12 -0.74
C ASP A 252 -20.14 -9.15 -1.29
N PRO A 253 -19.45 -8.40 -0.44
CA PRO A 253 -18.47 -7.41 -0.93
C PRO A 253 -17.29 -8.08 -1.61
N MET A 254 -17.04 -9.35 -1.33
CA MET A 254 -15.94 -10.05 -1.95
C MET A 254 -16.29 -10.48 -3.36
N LYS A 255 -17.58 -10.65 -3.65
CA LYS A 255 -18.04 -10.96 -4.99
C LYS A 255 -18.42 -9.71 -5.77
N ARG A 256 -18.45 -8.55 -5.11
CA ARG A 256 -18.88 -7.33 -5.77
C ARG A 256 -17.81 -6.80 -6.71
N ALA A 257 -18.26 -6.25 -7.83
CA ALA A 257 -17.38 -5.72 -8.86
C ALA A 257 -16.43 -4.65 -8.31
N THR A 258 -15.22 -4.62 -8.88
CA THR A 258 -14.26 -3.56 -8.64
C THR A 258 -14.28 -2.60 -9.82
N ILE A 259 -13.50 -1.52 -9.73
CA ILE A 259 -13.48 -0.57 -10.84
C ILE A 259 -12.75 -1.18 -12.01
N LYS A 260 -11.73 -2.01 -11.72
CA LYS A 260 -11.09 -2.80 -12.76
C LYS A 260 -12.10 -3.67 -13.50
N ASP A 261 -12.93 -4.40 -12.74
CA ASP A 261 -13.95 -5.25 -13.35
C ASP A 261 -14.88 -4.44 -14.24
N ILE A 262 -15.26 -3.24 -13.80
CA ILE A 262 -16.20 -2.43 -14.57
C ILE A 262 -15.53 -1.91 -15.85
N ARG A 263 -14.26 -1.51 -15.75
CA ARG A 263 -13.55 -1.05 -16.94
C ARG A 263 -13.39 -2.16 -17.97
N GLU A 264 -13.31 -3.40 -17.52
CA GLU A 264 -13.18 -4.53 -18.44
C GLU A 264 -14.53 -4.99 -18.98
N HIS A 265 -15.62 -4.58 -18.36
CA HIS A 265 -16.95 -5.01 -18.80
C HIS A 265 -17.26 -4.42 -20.17
N GLU A 266 -17.86 -5.26 -21.03
CA GLU A 266 -18.05 -4.89 -22.43
C GLU A 266 -19.00 -3.71 -22.59
N TRP A 267 -20.11 -3.69 -21.83
CA TRP A 267 -21.05 -2.57 -21.92
C TRP A 267 -20.38 -1.25 -21.58
N PHE A 268 -19.54 -1.24 -20.54
CA PHE A 268 -18.85 -0.02 -20.12
C PHE A 268 -17.82 0.42 -21.16
N LYS A 269 -17.12 -0.53 -21.76
CA LYS A 269 -16.07 -0.22 -22.73
C LYS A 269 -16.62 0.45 -23.97
N GLN A 270 -17.83 0.09 -24.39
CA GLN A 270 -18.42 0.62 -25.61
C GLN A 270 -18.44 2.14 -25.62
N ASP A 271 -17.83 2.72 -26.67
CA ASP A 271 -17.78 4.17 -26.89
C ASP A 271 -17.08 4.93 -25.77
N LEU A 272 -16.19 4.29 -25.02
CA LEU A 272 -15.52 4.96 -23.89
C LEU A 272 -14.44 5.94 -24.33
N PRO A 273 -14.58 7.23 -24.00
CA PRO A 273 -13.52 8.21 -24.30
C PRO A 273 -12.21 7.88 -23.60
N LYS A 274 -11.11 8.30 -24.22
CA LYS A 274 -9.78 7.94 -23.72
C LYS A 274 -9.34 8.82 -22.56
N TYR A 275 -9.82 10.06 -22.50
CA TYR A 275 -9.37 10.99 -21.47
C TYR A 275 -9.80 10.56 -20.07
N LEU A 276 -10.86 9.76 -19.95
CA LEU A 276 -11.42 9.43 -18.65
C LEU A 276 -10.47 8.60 -17.80
N PHE A 277 -9.75 7.67 -18.40
CA PHE A 277 -8.83 6.83 -17.65
C PHE A 277 -7.37 6.93 -18.09
N PRO A 278 -6.48 7.30 -17.17
CA PRO A 278 -5.09 7.65 -17.54
C PRO A 278 -4.29 6.50 -18.13
N GLU A 279 -4.67 5.25 -17.88
CA GLU A 279 -3.91 4.11 -18.36
C GLU A 279 -4.30 3.67 -19.76
N THR A 357 3.71 -22.87 -19.83
CA THR A 357 4.46 -23.40 -20.96
C THR A 357 5.84 -23.91 -20.52
N ARG A 358 6.68 -23.01 -20.03
CA ARG A 358 8.02 -23.34 -19.57
C ARG A 358 8.16 -23.07 -18.08
N PRO A 359 8.57 -24.06 -17.28
CA PRO A 359 8.72 -23.82 -15.83
C PRO A 359 9.86 -22.86 -15.54
N HIS A 360 9.64 -21.98 -14.57
CA HIS A 360 10.64 -21.00 -14.18
C HIS A 360 11.87 -21.70 -13.59
N PRO A 361 13.08 -21.22 -13.88
CA PRO A 361 14.30 -21.86 -13.32
C PRO A 361 14.35 -21.82 -11.80
N GLU A 362 13.94 -20.71 -11.19
CA GLU A 362 13.97 -20.58 -9.73
C GLU A 362 13.06 -21.61 -9.06
N ARG A 363 11.90 -21.89 -9.66
CA ARG A 363 10.94 -22.83 -9.10
C ARG A 363 11.15 -24.27 -9.59
N VAL A 364 12.38 -24.63 -9.97
CA VAL A 364 12.67 -25.97 -10.49
C VAL A 364 13.02 -26.96 -9.37
N PRO A 365 13.86 -26.60 -8.38
CA PRO A 365 14.15 -27.57 -7.31
C PRO A 365 12.93 -27.94 -6.51
N PHE A 366 12.06 -26.97 -6.23
CA PHE A 366 10.87 -27.27 -5.44
C PHE A 366 9.98 -28.29 -6.14
N LEU A 367 9.78 -28.14 -7.45
CA LEU A 367 8.90 -29.09 -8.14
C LEU A 367 9.48 -30.49 -8.10
N VAL A 368 10.79 -30.62 -8.32
CA VAL A 368 11.39 -31.95 -8.32
C VAL A 368 11.00 -32.64 -7.03
N ALA A 369 11.06 -31.91 -5.92
CA ALA A 369 10.35 -32.28 -4.71
C ALA A 369 8.89 -32.54 -5.07
N LYS A 393 2.31 -27.85 1.00
CA LYS A 393 1.91 -26.43 1.04
C LYS A 393 0.96 -26.15 2.20
N ALA A 394 1.44 -25.38 3.17
CA ALA A 394 0.65 -25.01 4.34
C ALA A 394 -0.29 -23.84 4.01
N LYS A 395 -1.43 -23.82 4.69
CA LYS A 395 -2.38 -22.72 4.56
C LYS A 395 -2.21 -21.70 5.67
N TRP A 396 -2.03 -20.45 5.29
CA TRP A 396 -1.92 -19.34 6.24
C TRP A 396 -3.28 -19.01 6.84
N HIS A 397 -3.26 -18.39 8.02
CA HIS A 397 -4.47 -17.92 8.66
C HIS A 397 -4.18 -16.62 9.39
N LEU A 398 -5.26 -15.88 9.69
CA LEU A 398 -5.15 -14.54 10.27
C LEU A 398 -5.12 -14.60 11.79
N GLY A 399 -4.09 -13.99 12.38
CA GLY A 399 -3.97 -13.88 13.82
C GLY A 399 -4.06 -15.17 14.60
N ILE A 400 -4.97 -15.24 15.55
CA ILE A 400 -5.19 -16.45 16.34
C ILE A 400 -6.66 -16.57 16.69
N ARG A 401 -7.20 -17.78 16.62
CA ARG A 401 -8.63 -18.02 16.79
C ARG A 401 -8.90 -18.84 18.05
N SER A 402 -10.11 -18.69 18.58
CA SER A 402 -10.53 -19.43 19.76
C SER A 402 -12.05 -19.63 19.72
N GLN A 403 -12.50 -20.81 20.13
CA GLN A 403 -13.93 -21.08 20.21
C GLN A 403 -14.49 -20.77 21.59
N SER A 404 -13.65 -20.26 22.49
CA SER A 404 -14.06 -19.91 23.83
C SER A 404 -14.88 -18.62 23.80
N ARG A 405 -15.38 -18.24 24.96
CA ARG A 405 -16.28 -17.10 25.05
C ARG A 405 -15.53 -15.76 24.95
N PRO A 406 -16.16 -14.74 24.38
CA PRO A 406 -15.45 -13.47 24.13
C PRO A 406 -15.04 -12.76 25.40
N ASN A 407 -15.73 -13.00 26.51
CA ASN A 407 -15.34 -12.43 27.79
C ASN A 407 -14.12 -13.15 28.34
N ASP A 408 -14.09 -14.47 28.20
CA ASP A 408 -12.98 -15.28 28.69
C ASP A 408 -11.71 -14.98 27.92
N ILE A 409 -11.81 -14.90 26.59
CA ILE A 409 -10.61 -14.74 25.76
C ILE A 409 -10.10 -13.30 25.80
N MET A 410 -10.98 -12.32 26.02
CA MET A 410 -10.51 -10.94 26.12
C MET A 410 -9.80 -10.72 27.45
N ALA A 411 -10.22 -11.43 28.49
CA ALA A 411 -9.56 -11.34 29.79
C ALA A 411 -8.17 -11.97 29.73
N GLU A 412 -8.08 -13.15 29.12
CA GLU A 412 -6.81 -13.85 28.98
C GLU A 412 -5.75 -12.99 28.30
N VAL A 413 -6.16 -12.25 27.25
CA VAL A 413 -5.20 -11.41 26.53
C VAL A 413 -4.65 -10.33 27.43
N CYS A 414 -5.52 -9.65 28.18
CA CYS A 414 -5.05 -8.64 29.13
C CYS A 414 -4.06 -9.23 30.12
N ARG A 415 -4.36 -10.43 30.62
CA ARG A 415 -3.44 -11.11 31.54
C ARG A 415 -2.10 -11.35 30.89
N ALA A 416 -2.11 -11.90 29.67
CA ALA A 416 -0.88 -12.26 28.97
C ALA A 416 -0.04 -11.04 28.61
N ILE A 417 -0.69 -9.92 28.26
CA ILE A 417 0.07 -8.71 27.97
C ILE A 417 0.81 -8.23 29.21
N LYS A 418 0.18 -8.39 30.38
CA LYS A 418 0.81 -8.02 31.64
C LYS A 418 1.98 -8.95 31.94
N GLN A 419 1.80 -10.25 31.70
CA GLN A 419 2.88 -11.23 31.90
C GLN A 419 4.14 -10.83 31.15
N LEU A 420 3.99 -10.27 29.96
CA LEU A 420 5.12 -9.89 29.13
C LEU A 420 5.67 -8.52 29.50
N ASP A 421 5.09 -7.89 30.53
CA ASP A 421 5.50 -6.57 31.01
C ASP A 421 5.31 -5.52 29.90
N TYR A 422 4.13 -5.54 29.29
CA TYR A 422 3.80 -4.59 28.23
C TYR A 422 2.85 -3.52 28.75
N GLU A 423 2.98 -2.33 28.17
CA GLU A 423 2.18 -1.15 28.49
C GLU A 423 1.01 -1.07 27.52
N TRP A 424 -0.24 -1.09 28.03
CA TRP A 424 -1.37 -1.03 27.09
C TRP A 424 -2.52 -0.12 27.50
N LYS A 425 -3.02 0.63 26.52
CA LYS A 425 -4.18 1.52 26.62
C LYS A 425 -5.43 0.84 26.05
N VAL A 426 -6.51 0.83 26.82
CA VAL A 426 -7.77 0.23 26.37
C VAL A 426 -8.61 1.28 25.66
N VAL A 427 -9.11 0.93 24.47
CA VAL A 427 -10.00 1.79 23.70
C VAL A 427 -11.43 1.26 23.80
N ASN A 428 -11.62 0.03 23.35
CA ASN A 428 -12.90 -0.66 23.39
C ASN A 428 -12.74 -1.92 24.23
N PRO A 429 -13.84 -2.51 24.70
CA PRO A 429 -13.75 -3.88 25.23
C PRO A 429 -12.98 -4.84 24.34
N TYR A 430 -13.14 -4.71 23.02
CA TYR A 430 -12.46 -5.57 22.06
C TYR A 430 -11.28 -4.92 21.33
N TYR A 431 -10.89 -3.70 21.69
CA TYR A 431 -9.77 -3.00 21.03
C TYR A 431 -8.73 -2.59 22.06
N LEU A 432 -7.48 -3.01 21.84
CA LEU A 432 -6.35 -2.67 22.70
C LEU A 432 -5.19 -2.09 21.90
N ARG A 433 -4.45 -1.16 22.51
CA ARG A 433 -3.21 -0.63 21.95
C ARG A 433 -2.06 -0.93 22.90
N VAL A 434 -1.04 -1.64 22.41
CA VAL A 434 0.05 -2.15 23.25
C VAL A 434 1.39 -1.53 22.84
N ARG A 435 2.23 -1.23 23.84
CA ARG A 435 3.58 -0.73 23.61
C ARG A 435 4.60 -1.57 24.37
N ARG A 436 5.73 -1.85 23.72
CA ARG A 436 6.83 -2.59 24.31
C ARG A 436 8.12 -1.77 24.21
N LYS A 437 8.91 -1.75 25.29
CA LYS A 437 10.22 -1.14 25.24
C LYS A 437 11.24 -2.18 24.78
N ASN A 438 12.01 -1.82 23.75
CA ASN A 438 13.04 -2.71 23.23
C ASN A 438 14.22 -2.80 24.20
N PRO A 439 14.51 -3.98 24.73
CA PRO A 439 15.58 -4.12 25.75
C PRO A 439 16.98 -3.82 25.23
N VAL A 440 17.17 -3.76 23.91
CA VAL A 440 18.48 -3.47 23.34
C VAL A 440 18.57 -2.02 22.87
N THR A 441 17.72 -1.65 21.90
CA THR A 441 17.79 -0.32 21.29
C THR A 441 17.20 0.77 22.17
N SER A 442 16.46 0.41 23.23
CA SER A 442 15.79 1.35 24.12
C SER A 442 14.75 2.22 23.40
N THR A 443 14.27 1.76 22.25
CA THR A 443 13.19 2.43 21.55
C THR A 443 11.90 1.66 21.83
N TYR A 444 10.80 2.10 21.23
CA TYR A 444 9.49 1.49 21.50
C TYR A 444 8.90 0.82 20.27
N SER A 445 8.21 -0.30 20.52
CA SER A 445 7.49 -1.05 19.51
C SER A 445 6.00 -0.92 19.80
N LYS A 446 5.22 -0.57 18.77
CA LYS A 446 3.79 -0.33 18.95
C LYS A 446 2.97 -1.23 18.05
N MET A 447 1.93 -1.85 18.61
CA MET A 447 1.01 -2.69 17.84
C MET A 447 -0.38 -2.59 18.45
N SER A 448 -1.40 -2.73 17.61
CA SER A 448 -2.80 -2.67 18.04
C SER A 448 -3.45 -4.04 17.92
N LEU A 449 -4.42 -4.30 18.81
CA LEU A 449 -5.12 -5.58 18.86
C LEU A 449 -6.62 -5.36 18.77
N GLN A 450 -7.31 -6.24 18.05
CA GLN A 450 -8.77 -6.19 17.94
C GLN A 450 -9.34 -7.60 17.90
N LEU A 451 -10.35 -7.85 18.73
CA LEU A 451 -11.10 -9.10 18.64
C LEU A 451 -12.24 -8.95 17.65
N TYR A 452 -12.41 -9.96 16.79
CA TYR A 452 -13.52 -10.01 15.86
C TYR A 452 -14.34 -11.27 16.13
N GLN A 453 -15.42 -11.42 15.37
CA GLN A 453 -16.21 -12.65 15.37
C GLN A 453 -16.12 -13.31 14.01
N VAL A 454 -16.05 -14.63 14.00
CA VAL A 454 -15.98 -15.42 12.77
C VAL A 454 -17.30 -16.16 12.52
N ASP A 455 -17.72 -16.98 13.47
CA ASP A 455 -19.03 -17.61 13.45
C ASP A 455 -19.60 -17.52 14.86
N SER A 456 -20.66 -18.27 15.12
CA SER A 456 -21.31 -18.28 16.42
C SER A 456 -20.32 -18.49 17.57
N ARG A 457 -19.56 -19.60 17.53
CA ARG A 457 -18.57 -19.87 18.57
C ARG A 457 -17.22 -19.20 18.33
N THR A 458 -16.72 -19.20 17.10
CA THR A 458 -15.35 -18.78 16.83
C THR A 458 -15.16 -17.27 16.86
N TYR A 459 -14.13 -16.82 17.59
CA TYR A 459 -13.69 -15.44 17.61
C TYR A 459 -12.21 -15.38 17.24
N LEU A 460 -11.73 -14.19 16.84
CA LEU A 460 -10.38 -14.05 16.31
C LEU A 460 -9.69 -12.80 16.83
N LEU A 461 -8.43 -12.92 17.25
CA LEU A 461 -7.62 -11.78 17.64
C LEU A 461 -6.76 -11.34 16.46
N ASP A 462 -6.75 -10.05 16.18
CA ASP A 462 -6.02 -9.47 15.05
C ASP A 462 -4.89 -8.58 15.52
N PHE A 463 -3.69 -8.81 14.99
CA PHE A 463 -2.50 -8.03 15.29
C PHE A 463 -2.21 -7.08 14.13
N ARG A 464 -1.98 -5.80 14.43
CA ARG A 464 -1.72 -4.82 13.39
C ARG A 464 -0.57 -3.89 13.77
N SER A 465 0.39 -3.76 12.86
CA SER A 465 1.59 -2.97 13.12
C SER A 465 1.30 -1.48 13.12
N ILE A 466 1.76 -0.78 14.16
CA ILE A 466 1.61 0.67 14.29
C ILE A 466 2.91 1.35 13.90
N ASP A 467 2.87 2.13 12.81
CA ASP A 467 4.05 2.81 12.28
C ASP A 467 4.47 3.97 13.19
N ASP A 468 5.77 4.30 13.14
CA ASP A 468 6.33 5.39 13.91
C ASP A 468 6.81 6.52 13.00
N GLU A 469 6.53 7.75 13.42
CA GLU A 469 6.92 8.97 12.72
C GLU A 469 8.28 9.44 13.20
N LEU A 470 8.93 8.61 14.00
CA LEU A 470 10.17 8.90 14.69
C LEU A 470 11.35 8.94 13.71
N THR A 471 12.47 9.51 14.17
CA THR A 471 13.72 9.66 13.42
C THR A 471 14.32 8.28 13.14
N PRO A 472 15.35 8.14 12.29
CA PRO A 472 15.90 6.80 12.00
C PRO A 472 16.17 6.00 13.26
N ARG A 473 15.74 4.74 13.27
CA ARG A 473 15.82 3.90 14.45
C ARG A 473 16.53 2.58 14.19
N PRO A 474 17.30 2.10 15.17
CA PRO A 474 18.00 0.82 15.04
C PRO A 474 17.04 -0.36 15.14
N GLY A 475 17.47 -1.48 14.54
CA GLY A 475 16.63 -2.67 14.48
C GLY A 475 15.64 -2.60 13.35
N SER A 476 14.89 -3.68 13.18
CA SER A 476 13.89 -3.79 12.12
C SER A 476 12.48 -3.66 12.67
N HIS A 477 11.79 -2.59 12.26
CA HIS A 477 10.42 -2.34 12.69
C HIS A 477 9.53 -3.54 12.38
N THR A 478 9.72 -4.15 11.21
CA THR A 478 8.92 -5.30 10.80
C THR A 478 9.16 -6.50 11.72
N ILE A 479 10.42 -6.82 11.98
CA ILE A 479 10.74 -8.01 12.78
C ILE A 479 10.36 -7.79 14.23
N GLU A 480 10.64 -6.60 14.77
CA GLU A 480 10.28 -6.32 16.16
C GLU A 480 8.78 -6.48 16.38
N PHE A 481 7.99 -6.12 15.38
CA PHE A 481 6.55 -6.39 15.40
C PHE A 481 6.29 -7.89 15.51
N PHE A 482 6.97 -8.69 14.68
CA PHE A 482 6.81 -10.14 14.71
C PHE A 482 7.18 -10.73 16.06
N GLU A 483 8.35 -10.36 16.58
CA GLU A 483 8.81 -10.87 17.87
C GLU A 483 7.80 -10.56 18.96
N MET A 484 7.34 -9.30 18.99
CA MET A 484 6.37 -8.86 19.99
C MET A 484 5.11 -9.70 19.94
N CYS A 485 4.61 -9.97 18.73
CA CYS A 485 3.40 -10.78 18.59
C CYS A 485 3.64 -12.22 19.05
N ALA A 486 4.78 -12.80 18.65
CA ALA A 486 5.05 -14.20 18.94
C ALA A 486 5.04 -14.48 20.44
N ASN A 487 5.63 -13.59 21.23
CA ASN A 487 5.64 -13.75 22.68
C ASN A 487 4.22 -13.95 23.21
N LEU A 488 3.30 -13.10 22.76
CA LEU A 488 1.91 -13.19 23.19
C LEU A 488 1.24 -14.44 22.64
N ILE A 489 1.48 -14.77 21.37
CA ILE A 489 0.85 -15.94 20.75
C ILE A 489 1.26 -17.22 21.48
N LYS A 490 2.53 -17.30 21.87
CA LYS A 490 3.01 -18.44 22.63
C LYS A 490 2.18 -18.63 23.89
N ILE A 491 2.00 -17.54 24.64
CA ILE A 491 1.22 -17.59 25.88
C ILE A 491 -0.22 -17.97 25.61
N LEU A 492 -0.83 -17.37 24.58
CA LEU A 492 -2.25 -17.62 24.31
C LEU A 492 -2.51 -19.04 23.85
N ALA A 493 -1.58 -19.64 23.10
CA ALA A 493 -1.74 -21.02 22.67
C ALA A 493 -1.44 -22.01 23.79
N GLN A 494 -0.65 -21.62 24.78
CA GLN A 494 -0.30 -22.50 25.90
C GLN A 494 -1.28 -22.34 27.05
N PRO B 8 -3.77 44.60 1.01
CA PRO B 8 -2.80 43.49 1.10
C PRO B 8 -2.92 42.74 2.43
N ALA B 9 -2.03 43.03 3.37
CA ALA B 9 -2.16 42.53 4.72
C ALA B 9 -3.08 43.40 5.56
N GLN B 10 -3.43 44.57 5.04
CA GLN B 10 -4.33 45.52 5.68
C GLN B 10 -5.78 45.34 5.25
N ALA B 11 -6.03 44.52 4.23
CA ALA B 11 -7.40 44.17 3.82
C ALA B 11 -7.65 42.69 4.14
N ARG B 12 -8.34 42.44 5.24
CA ARG B 12 -8.68 41.10 5.68
C ARG B 12 -10.19 40.94 5.90
N PRO B 13 -10.86 40.08 5.13
CA PRO B 13 -12.33 39.97 5.19
C PRO B 13 -12.87 39.55 6.55
N THR B 14 -13.80 40.35 7.09
CA THR B 14 -14.42 40.09 8.38
C THR B 14 -15.94 40.10 8.21
N VAL B 15 -16.60 39.08 8.74
CA VAL B 15 -18.05 38.91 8.59
C VAL B 15 -18.76 39.54 9.79
N PHE B 16 -19.74 40.40 9.51
CA PHE B 16 -20.60 40.98 10.54
C PHE B 16 -22.02 40.47 10.28
N ARG B 17 -22.56 39.72 11.24
CA ARG B 17 -23.85 39.07 11.05
C ARG B 17 -24.78 39.31 12.24
N TRP B 18 -25.98 39.78 11.94
CA TRP B 18 -27.05 39.98 12.91
C TRP B 18 -28.12 38.90 12.70
N THR B 19 -28.41 38.13 13.74
CA THR B 19 -29.42 37.08 13.66
C THR B 19 -30.70 37.54 14.35
N GLY B 20 -31.77 37.60 13.59
CA GLY B 20 -33.05 38.08 14.06
C GLY B 20 -33.84 38.65 12.91
N GLY B 21 -35.00 39.22 13.25
CA GLY B 21 -35.86 39.81 12.25
C GLY B 21 -35.63 41.30 12.16
N GLY B 22 -36.04 41.89 11.02
CA GLY B 22 -36.05 43.33 10.89
C GLY B 22 -36.44 43.76 9.50
N LYS B 23 -36.94 45.00 9.42
CA LYS B 23 -37.14 45.67 8.14
C LYS B 23 -35.85 46.34 7.67
N GLU B 24 -35.16 47.01 8.58
CA GLU B 24 -33.94 47.75 8.28
C GLU B 24 -32.92 47.48 9.37
N VAL B 25 -31.74 47.01 8.98
CA VAL B 25 -30.64 46.73 9.91
C VAL B 25 -29.38 47.41 9.38
N TYR B 26 -28.72 48.17 10.23
CA TYR B 26 -27.50 48.88 9.85
C TYR B 26 -26.34 48.50 10.76
N LEU B 27 -25.13 48.76 10.30
CA LEU B 27 -23.91 48.50 11.05
C LEU B 27 -23.09 49.78 11.17
N SER B 28 -22.78 50.17 12.40
CA SER B 28 -21.90 51.32 12.64
C SER B 28 -20.71 50.88 13.47
N GLY B 29 -19.54 51.41 13.13
CA GLY B 29 -18.34 51.01 13.85
C GLY B 29 -17.27 52.07 13.77
N SER B 30 -16.18 51.82 14.50
CA SER B 30 -15.03 52.71 14.41
C SER B 30 -14.45 52.72 13.00
N PHE B 31 -14.65 51.63 12.26
CA PHE B 31 -14.05 51.48 10.95
C PHE B 31 -14.71 52.34 9.88
N ASN B 32 -16.02 52.59 9.97
CA ASN B 32 -16.70 53.50 9.05
C ASN B 32 -17.02 54.89 9.61
N ASN B 33 -16.48 55.26 10.78
CA ASN B 33 -16.81 56.53 11.46
C ASN B 33 -18.24 56.56 11.97
N TRP B 34 -18.75 55.40 12.38
CA TRP B 34 -20.08 55.25 12.95
C TRP B 34 -21.17 55.76 12.00
N SER B 35 -20.91 55.70 10.71
CA SER B 35 -21.96 55.86 9.71
C SER B 35 -22.79 54.58 9.66
N LYS B 36 -24.01 54.68 9.13
CA LYS B 36 -24.93 53.55 9.12
C LYS B 36 -24.83 52.80 7.79
N LEU B 37 -24.27 51.58 7.84
CA LEU B 37 -24.08 50.72 6.68
C LEU B 37 -25.20 49.69 6.59
N PRO B 38 -26.01 49.72 5.54
CA PRO B 38 -27.12 48.75 5.42
C PRO B 38 -26.64 47.33 5.22
N LEU B 39 -27.28 46.39 5.92
CA LEU B 39 -26.93 44.97 5.81
C LEU B 39 -27.94 44.24 4.93
N THR B 40 -27.43 43.31 4.13
CA THR B 40 -28.27 42.47 3.28
C THR B 40 -29.00 41.43 4.11
N ARG B 41 -30.28 41.20 3.82
CA ARG B 41 -31.09 40.23 4.57
C ARG B 41 -31.25 38.92 3.82
N ASP B 42 -31.06 37.81 4.55
CA ASP B 42 -31.24 36.46 3.99
C ASP B 42 -32.13 35.63 4.92
N HIS B 43 -33.43 35.91 4.92
CA HIS B 43 -34.35 35.11 5.73
C HIS B 43 -33.96 35.08 7.21
N ASN B 44 -33.91 36.25 7.86
CA ASN B 44 -33.61 36.53 9.29
C ASN B 44 -32.11 36.68 9.58
N ASN B 45 -31.24 36.63 8.57
CA ASN B 45 -29.81 36.78 8.77
C ASN B 45 -29.38 37.99 7.97
N PHE B 46 -28.71 38.94 8.63
CA PHE B 46 -28.33 40.18 7.97
C PHE B 46 -26.82 40.21 8.03
N VAL B 47 -26.19 40.61 6.93
CA VAL B 47 -24.75 40.41 6.80
C VAL B 47 -24.13 41.50 5.92
N ALA B 48 -22.93 41.94 6.33
CA ALA B 48 -21.99 42.61 5.45
C ALA B 48 -20.63 41.97 5.70
N ILE B 49 -19.76 41.98 4.69
CA ILE B 49 -18.37 41.54 4.85
C ILE B 49 -17.46 42.72 4.56
N LEU B 50 -16.54 43.01 5.48
CA LEU B 50 -15.68 44.18 5.37
C LEU B 50 -14.22 43.80 5.49
N ASP B 51 -13.37 44.50 4.74
CA ASP B 51 -11.93 44.34 4.85
C ASP B 51 -11.45 45.24 5.98
N LEU B 52 -10.90 44.65 7.04
CA LEU B 52 -10.49 45.44 8.17
C LEU B 52 -9.00 45.30 8.43
N PRO B 53 -8.37 46.35 8.95
CA PRO B 53 -7.00 46.23 9.44
C PRO B 53 -6.92 45.29 10.63
N GLU B 54 -5.75 44.68 10.81
CA GLU B 54 -5.51 43.88 12.00
C GLU B 54 -5.52 44.80 13.21
N GLY B 55 -6.30 44.45 14.22
CA GLY B 55 -6.37 45.25 15.43
C GLY B 55 -7.75 45.24 16.03
N GLU B 56 -7.97 46.17 16.96
CA GLU B 56 -9.22 46.31 17.67
C GLU B 56 -10.19 47.20 16.89
N HIS B 57 -11.45 46.77 16.83
CA HIS B 57 -12.53 47.55 16.24
C HIS B 57 -13.77 47.42 17.11
N GLN B 58 -14.52 48.51 17.24
CA GLN B 58 -15.76 48.51 17.99
C GLN B 58 -16.93 48.85 17.06
N TYR B 59 -18.07 48.19 17.28
CA TYR B 59 -19.20 48.34 16.38
C TYR B 59 -20.51 48.14 17.13
N LYS B 60 -21.60 48.57 16.48
CA LYS B 60 -22.94 48.47 17.05
C LYS B 60 -23.94 48.39 15.89
N PHE B 61 -25.11 47.81 16.17
CA PHE B 61 -26.17 47.64 15.18
C PHE B 61 -27.31 48.63 15.41
N PHE B 62 -27.96 49.03 14.31
CA PHE B 62 -29.18 49.82 14.34
C PHE B 62 -30.29 48.95 13.77
N VAL B 63 -31.18 48.45 14.62
CA VAL B 63 -32.21 47.48 14.22
C VAL B 63 -33.60 48.08 14.40
N ASP B 64 -34.26 48.39 13.29
CA ASP B 64 -35.61 48.98 13.31
C ASP B 64 -35.72 50.13 14.30
N GLY B 65 -34.73 51.03 14.25
CA GLY B 65 -34.78 52.23 15.06
C GLY B 65 -34.23 52.10 16.47
N GLN B 66 -33.61 50.97 16.80
CA GLN B 66 -33.04 50.75 18.12
C GLN B 66 -31.55 50.46 18.01
N TRP B 67 -30.74 51.28 18.68
CA TRP B 67 -29.31 51.01 18.76
C TRP B 67 -29.06 49.87 19.73
N THR B 68 -28.41 48.82 19.24
CA THR B 68 -28.16 47.65 20.08
C THR B 68 -26.87 46.96 19.68
N HIS B 69 -26.24 46.34 20.67
CA HIS B 69 -25.08 45.49 20.45
C HIS B 69 -25.58 44.06 20.20
N ASP B 70 -24.64 43.16 19.92
CA ASP B 70 -24.97 41.75 19.78
C ASP B 70 -24.60 41.03 21.07
N PRO B 71 -25.58 40.58 21.85
CA PRO B 71 -25.29 39.97 23.16
C PRO B 71 -24.41 38.74 23.07
N SER B 72 -24.49 37.99 21.96
CA SER B 72 -23.75 36.75 21.81
C SER B 72 -22.28 36.99 21.52
N GLU B 73 -21.94 38.13 20.92
CA GLU B 73 -20.57 38.52 20.67
C GLU B 73 -19.98 39.33 21.82
N PRO B 74 -18.66 39.39 21.92
CA PRO B 74 -18.00 40.20 22.94
C PRO B 74 -18.41 41.66 22.94
N ILE B 75 -18.46 42.26 24.13
CA ILE B 75 -18.84 43.66 24.28
C ILE B 75 -17.80 44.37 25.15
N VAL B 76 -17.86 45.69 25.13
CA VAL B 76 -17.02 46.54 25.98
C VAL B 76 -17.86 47.72 26.47
N THR B 77 -17.74 48.04 27.75
CA THR B 77 -18.50 49.14 28.35
C THR B 77 -17.55 50.26 28.73
N SER B 78 -17.88 51.48 28.32
CA SER B 78 -17.04 52.64 28.60
C SER B 78 -17.41 53.23 29.96
N GLN B 79 -16.68 54.29 30.35
CA GLN B 79 -16.98 54.94 31.62
C GLN B 79 -18.18 55.87 31.49
N LEU B 80 -18.69 56.05 30.27
CA LEU B 80 -19.87 56.84 30.00
C LEU B 80 -21.13 55.98 29.90
N GLY B 81 -21.01 54.68 30.12
CA GLY B 81 -22.15 53.79 30.06
C GLY B 81 -22.51 53.32 28.66
N THR B 82 -21.62 53.50 27.70
CA THR B 82 -21.83 53.05 26.32
C THR B 82 -21.42 51.59 26.21
N VAL B 83 -22.30 50.75 25.67
CA VAL B 83 -21.99 49.34 25.46
C VAL B 83 -21.87 49.06 23.97
N ASN B 84 -20.65 48.79 23.49
CA ASN B 84 -20.40 48.45 22.10
C ASN B 84 -19.92 47.00 21.98
N ASN B 85 -20.12 46.43 20.80
CA ASN B 85 -19.45 45.18 20.47
C ASN B 85 -18.00 45.47 20.15
N ILE B 86 -17.14 44.48 20.39
CA ILE B 86 -15.72 44.61 20.11
C ILE B 86 -15.25 43.37 19.38
N ILE B 87 -14.36 43.55 18.40
CA ILE B 87 -13.80 42.45 17.64
C ILE B 87 -12.30 42.66 17.48
N GLN B 88 -11.54 41.57 17.61
CA GLN B 88 -10.08 41.57 17.48
C GLN B 88 -9.68 40.82 16.21
N VAL B 89 -9.20 41.57 15.22
CA VAL B 89 -8.76 40.98 13.96
C VAL B 89 -7.33 40.45 14.13
N LYS B 90 -7.15 39.14 13.94
CA LYS B 90 -5.85 38.51 14.09
C LYS B 90 -5.44 37.82 12.80
N LYS B 91 -4.13 37.71 12.57
CA LYS B 91 -3.64 37.07 11.35
C LYS B 91 -4.02 35.59 11.33
N THR B 92 -3.97 34.94 12.51
CA THR B 92 -4.28 33.52 12.59
C THR B 92 -5.74 33.21 12.28
N ASP B 93 -6.57 34.26 12.16
CA ASP B 93 -7.94 34.07 11.70
C ASP B 93 -8.00 33.89 10.20
N PHE B 94 -7.07 34.50 9.45
CA PHE B 94 -7.06 34.46 8.00
C PHE B 94 -6.13 33.40 7.41
N GLU B 95 -5.24 32.80 8.19
CA GLU B 95 -4.48 31.65 7.73
C GLU B 95 -5.32 30.41 8.01
N VAL B 96 -5.73 29.72 6.95
CA VAL B 96 -6.76 28.67 7.07
C VAL B 96 -6.36 27.58 8.06
N PHE B 97 -5.12 27.09 7.97
CA PHE B 97 -4.71 26.00 8.85
C PHE B 97 -4.27 26.48 10.22
N ASP B 98 -3.94 27.77 10.35
CA ASP B 98 -3.71 28.33 11.68
C ASP B 98 -5.05 28.47 12.41
N ALA B 99 -6.10 28.82 11.67
CA ALA B 99 -7.43 28.95 12.24
C ALA B 99 -7.99 27.60 12.66
N LEU B 100 -7.77 26.57 11.84
CA LEU B 100 -8.23 25.23 12.16
C LEU B 100 -7.44 24.63 13.33
N MET B 101 -6.23 25.12 13.58
CA MET B 101 -5.44 24.66 14.71
C MET B 101 -5.98 25.24 16.02
N VAL B 102 -6.26 26.55 16.03
CA VAL B 102 -6.74 27.21 17.24
C VAL B 102 -8.21 26.93 17.49
N ASP B 103 -8.96 26.52 16.46
CA ASP B 103 -10.36 26.14 16.65
C ASP B 103 -10.45 24.84 17.44
N SER B 104 -9.52 23.92 17.22
CA SER B 104 -9.54 22.61 17.86
C SER B 104 -8.80 22.69 19.18
N GLN B 105 -9.55 22.64 20.28
CA GLN B 105 -9.04 22.88 21.63
C GLN B 105 -9.90 22.16 22.65
N GLN B 123 -3.47 5.55 31.94
CA GLN B 123 -2.94 5.62 30.58
C GLN B 123 -2.42 4.27 30.09
N GLU B 124 -1.28 4.32 29.41
CA GLU B 124 -0.69 3.10 28.85
C GLU B 124 -0.26 2.09 29.90
N PRO B 125 0.27 2.46 31.08
CA PRO B 125 0.61 1.45 32.07
C PRO B 125 -0.62 0.65 32.49
N TYR B 126 -0.43 -0.66 32.62
CA TYR B 126 -1.54 -1.57 32.91
C TYR B 126 -2.20 -1.22 34.24
N VAL B 127 -3.49 -0.90 34.19
CA VAL B 127 -4.28 -0.68 35.40
C VAL B 127 -5.18 -1.87 35.70
N CYS B 128 -5.25 -2.85 34.81
CA CYS B 128 -6.19 -3.96 34.95
C CYS B 128 -5.45 -5.27 35.19
N ARG B 135 -21.61 -5.49 25.14
CA ARG B 135 -21.29 -5.42 23.72
C ARG B 135 -20.97 -6.79 23.13
N ALA B 136 -20.70 -6.81 21.83
CA ALA B 136 -20.25 -8.01 21.14
C ALA B 136 -19.08 -7.66 20.23
N PRO B 137 -18.21 -8.62 19.95
CA PRO B 137 -17.07 -8.37 19.05
C PRO B 137 -17.51 -8.04 17.63
N PRO B 138 -16.86 -7.05 17.01
CA PRO B 138 -17.14 -6.72 15.60
C PRO B 138 -16.99 -7.92 14.70
N ILE B 139 -17.94 -8.09 13.77
CA ILE B 139 -17.85 -9.20 12.83
C ILE B 139 -16.64 -8.99 11.91
N LEU B 140 -15.85 -10.05 11.73
CA LEU B 140 -14.61 -9.96 10.97
C LEU B 140 -14.87 -9.60 9.52
N PRO B 141 -14.24 -8.56 9.00
CA PRO B 141 -14.31 -8.23 7.57
C PRO B 141 -13.69 -9.32 6.71
N PRO B 142 -14.41 -9.78 5.68
CA PRO B 142 -13.87 -10.83 4.80
C PRO B 142 -12.68 -10.38 3.98
N HIS B 143 -12.42 -9.07 3.92
CA HIS B 143 -11.21 -8.55 3.26
C HIS B 143 -9.97 -9.22 3.80
N LEU B 144 -9.92 -9.45 5.12
CA LEU B 144 -8.73 -9.97 5.77
C LEU B 144 -8.52 -11.46 5.53
N LEU B 145 -9.54 -12.17 5.02
CA LEU B 145 -9.41 -13.60 4.75
C LEU B 145 -8.77 -13.88 3.41
N GLN B 146 -8.48 -12.85 2.62
CA GLN B 146 -7.77 -13.02 1.36
C GLN B 146 -6.29 -12.89 1.71
N VAL B 147 -5.57 -14.01 1.68
CA VAL B 147 -4.18 -14.05 2.11
C VAL B 147 -3.28 -14.06 0.89
N ILE B 148 -2.38 -13.09 0.83
CA ILE B 148 -1.53 -12.88 -0.33
C ILE B 148 -0.61 -14.08 -0.58
N LEU B 149 -0.29 -14.84 0.47
CA LEU B 149 0.60 -15.99 0.33
C LEU B 149 -0.14 -17.28 -0.03
N ASN B 150 -1.45 -17.35 0.17
CA ASN B 150 -2.20 -18.51 -0.29
C ASN B 150 -2.53 -18.41 -1.77
N LYS B 151 -2.52 -17.19 -2.31
CA LYS B 151 -2.76 -16.97 -3.73
C LYS B 151 -1.65 -17.61 -4.56
N ASP B 152 -2.05 -18.38 -5.58
CA ASP B 152 -1.10 -19.04 -6.45
C ASP B 152 -0.54 -18.08 -7.49
N THR B 153 0.76 -18.14 -7.69
CA THR B 153 1.44 -17.38 -8.73
C THR B 153 1.82 -18.32 -9.87
N GLY B 154 1.84 -17.76 -11.09
CA GLY B 154 2.12 -18.56 -12.26
C GLY B 154 3.46 -19.26 -12.20
N ILE B 155 3.51 -20.47 -12.77
CA ILE B 155 4.72 -21.29 -12.75
C ILE B 155 5.85 -20.63 -13.52
N SER B 156 5.54 -19.74 -14.45
CA SER B 156 6.54 -19.10 -15.30
C SER B 156 7.13 -17.85 -14.68
N CYS B 157 6.70 -17.47 -13.48
CA CYS B 157 7.15 -16.24 -12.83
C CYS B 157 8.01 -16.54 -11.61
N ASP B 158 8.87 -15.58 -11.30
CA ASP B 158 9.74 -15.65 -10.12
C ASP B 158 8.91 -15.97 -8.88
N PRO B 159 9.28 -17.00 -8.12
CA PRO B 159 8.49 -17.37 -6.92
C PRO B 159 8.42 -16.27 -5.89
N ALA B 160 9.35 -15.33 -5.90
CA ALA B 160 9.36 -14.24 -4.94
C ALA B 160 8.31 -13.16 -5.27
N LEU B 161 7.85 -13.11 -6.51
CA LEU B 161 6.86 -12.12 -6.91
C LEU B 161 5.49 -12.47 -6.34
N LEU B 162 4.73 -11.44 -6.00
CA LEU B 162 3.43 -11.61 -5.36
C LEU B 162 2.36 -10.74 -6.00
N PRO B 163 1.09 -11.06 -5.76
CA PRO B 163 0.00 -10.16 -6.13
C PRO B 163 0.09 -8.83 -5.42
N GLU B 164 -0.62 -7.83 -5.95
CA GLU B 164 -0.69 -6.52 -5.28
C GLU B 164 -1.81 -6.54 -4.24
N PRO B 165 -1.50 -6.28 -2.98
CA PRO B 165 -2.47 -6.47 -1.90
C PRO B 165 -3.51 -5.36 -1.80
N ASN B 166 -4.67 -5.72 -1.27
CA ASN B 166 -5.63 -4.71 -0.85
C ASN B 166 -4.99 -3.90 0.27
N HIS B 167 -5.12 -2.57 0.19
CA HIS B 167 -4.51 -1.68 1.19
C HIS B 167 -4.96 -2.02 2.60
N VAL B 168 -6.12 -2.65 2.75
CA VAL B 168 -6.72 -2.86 4.06
C VAL B 168 -6.09 -4.03 4.80
N MET B 169 -5.37 -4.92 4.13
CA MET B 169 -4.72 -6.04 4.79
C MET B 169 -3.27 -5.76 5.14
N LEU B 170 -2.75 -4.59 4.74
CA LEU B 170 -1.37 -4.23 5.06
C LEU B 170 -1.19 -4.12 6.57
N ASN B 171 -0.01 -4.50 7.03
CA ASN B 171 0.41 -4.42 8.43
C ASN B 171 -0.30 -5.44 9.32
N HIS B 172 -1.22 -6.23 8.79
CA HIS B 172 -1.88 -7.26 9.57
C HIS B 172 -1.02 -8.51 9.66
N LEU B 173 -1.08 -9.17 10.82
CA LEU B 173 -0.28 -10.36 11.08
C LEU B 173 -1.01 -11.64 10.69
N TYR B 174 -0.39 -12.43 9.81
CA TYR B 174 -0.84 -13.76 9.44
C TYR B 174 0.20 -14.75 9.93
N ALA B 175 -0.21 -15.99 10.16
CA ALA B 175 0.71 -16.96 10.71
C ALA B 175 0.35 -18.37 10.25
N LEU B 176 1.33 -19.26 10.38
CA LEU B 176 1.14 -20.68 10.17
C LEU B 176 1.02 -21.40 11.50
N SER B 177 0.19 -22.43 11.54
CA SER B 177 0.02 -23.23 12.76
C SER B 177 1.37 -23.73 13.22
N ILE B 178 1.72 -23.43 14.47
CA ILE B 178 3.05 -23.75 14.98
C ILE B 178 3.32 -25.25 14.87
N LYS B 179 4.48 -25.60 14.32
CA LYS B 179 4.80 -26.99 14.00
C LYS B 179 6.29 -27.21 14.14
N ASP B 180 6.67 -28.41 14.62
CA ASP B 180 8.06 -28.74 14.94
C ASP B 180 8.67 -27.70 15.88
N GLY B 181 7.83 -27.10 16.73
CA GLY B 181 8.30 -26.09 17.64
C GLY B 181 8.77 -24.81 16.97
N VAL B 182 8.45 -24.62 15.69
CA VAL B 182 8.81 -23.43 14.94
C VAL B 182 7.54 -22.69 14.52
N MET B 183 7.49 -21.40 14.82
CA MET B 183 6.38 -20.53 14.43
C MET B 183 6.78 -19.74 13.20
N VAL B 184 5.84 -19.61 12.25
CA VAL B 184 6.06 -18.85 11.03
C VAL B 184 5.07 -17.69 10.97
N LEU B 185 5.60 -16.47 10.98
CA LEU B 185 4.81 -15.25 10.96
C LEU B 185 5.03 -14.52 9.63
N SER B 186 4.01 -13.80 9.17
CA SER B 186 4.17 -12.97 7.98
C SER B 186 3.20 -11.78 8.01
N ALA B 187 3.65 -10.67 7.43
CA ALA B 187 2.84 -9.48 7.26
C ALA B 187 3.31 -8.72 6.02
N THR B 188 2.37 -8.14 5.27
CA THR B 188 2.67 -7.33 4.11
C THR B 188 2.77 -5.86 4.51
N HIS B 189 3.88 -5.21 4.14
CA HIS B 189 4.09 -3.78 4.34
C HIS B 189 4.33 -3.08 3.01
N ARG B 190 4.36 -1.75 3.04
CA ARG B 190 4.39 -0.90 1.85
C ARG B 190 5.48 0.15 1.99
N TYR B 191 6.44 0.12 1.09
CA TYR B 191 7.53 1.09 1.00
C TYR B 191 7.30 1.83 -0.31
N LYS B 192 7.18 3.16 -0.24
CA LYS B 192 6.86 4.03 -1.37
C LYS B 192 5.73 3.39 -2.20
N LYS B 193 5.96 3.07 -3.47
CA LYS B 193 4.92 2.46 -4.29
C LYS B 193 5.05 0.93 -4.33
N LYS B 194 5.94 0.37 -3.51
CA LYS B 194 6.20 -1.07 -3.54
C LYS B 194 5.68 -1.74 -2.25
N TYR B 195 5.43 -3.05 -2.36
CA TYR B 195 4.95 -3.90 -1.28
C TYR B 195 5.92 -5.03 -0.99
N VAL B 196 6.17 -5.33 0.28
CA VAL B 196 7.07 -6.40 0.70
C VAL B 196 6.43 -7.24 1.80
N THR B 197 6.13 -8.50 1.49
CA THR B 197 5.60 -9.46 2.44
C THR B 197 6.79 -10.18 3.09
N THR B 198 6.94 -10.02 4.40
CA THR B 198 8.08 -10.59 5.13
C THR B 198 7.66 -11.81 5.93
N LEU B 199 8.41 -12.91 5.78
CA LEU B 199 8.20 -14.13 6.53
C LEU B 199 9.30 -14.26 7.58
N LEU B 200 8.92 -14.74 8.77
CA LEU B 200 9.89 -14.95 9.84
C LEU B 200 9.72 -16.34 10.43
N TYR B 201 10.83 -17.08 10.48
CA TYR B 201 10.87 -18.40 11.11
C TYR B 201 11.50 -18.24 12.50
N LYS B 202 10.71 -18.53 13.54
CA LYS B 202 11.18 -18.40 14.90
C LYS B 202 10.95 -19.69 15.67
N PRO B 203 11.95 -20.14 16.43
CA PRO B 203 11.74 -21.25 17.38
C PRO B 203 10.88 -20.82 18.57
N ILE B 204 9.86 -21.61 18.87
CA ILE B 204 9.00 -21.39 20.03
C ILE B 204 8.42 -22.73 20.51
N ASN C 26 33.59 7.31 -18.38
CA ASN C 26 32.20 6.87 -18.45
C ASN C 26 31.92 6.07 -19.71
N SER C 27 30.72 5.50 -19.78
CA SER C 27 30.21 4.86 -20.99
C SER C 27 28.69 4.83 -20.89
N VAL C 28 28.06 4.21 -21.88
CA VAL C 28 26.60 4.12 -21.89
C VAL C 28 26.10 3.37 -20.66
N TYR C 29 26.81 2.32 -20.26
CA TYR C 29 26.42 1.49 -19.13
C TYR C 29 26.83 2.07 -17.78
N THR C 30 28.07 2.58 -17.67
CA THR C 30 28.54 3.08 -16.38
C THR C 30 27.73 4.28 -15.92
N SER C 31 27.39 5.17 -16.84
CA SER C 31 26.57 6.33 -16.48
C SER C 31 25.15 5.91 -16.14
N PHE C 32 24.62 4.89 -16.83
CA PHE C 32 23.28 4.41 -16.56
C PHE C 32 23.16 3.87 -15.14
N MET C 33 24.14 3.07 -14.71
CA MET C 33 24.08 2.47 -13.38
C MET C 33 24.29 3.50 -12.28
N LYS C 34 25.02 4.58 -12.59
CA LYS C 34 25.16 5.68 -11.63
C LYS C 34 23.84 6.41 -11.44
N SER C 35 23.07 6.55 -12.52
CA SER C 35 21.82 7.30 -12.49
C SER C 35 20.76 6.64 -11.62
N HIS C 36 20.44 5.37 -11.90
CA HIS C 36 19.32 4.70 -11.26
C HIS C 36 19.62 4.31 -9.82
N ARG C 37 18.56 4.21 -9.01
CA ARG C 37 18.63 3.81 -7.62
C ARG C 37 18.23 2.34 -7.46
N CYS C 38 18.81 1.69 -6.44
CA CYS C 38 18.46 0.32 -6.11
C CYS C 38 16.95 0.11 -6.07
N TYR C 39 16.22 1.08 -5.51
CA TYR C 39 14.77 1.03 -5.41
C TYR C 39 14.09 0.79 -6.75
N ASP C 40 14.70 1.23 -7.85
CA ASP C 40 14.09 1.09 -9.17
C ASP C 40 13.95 -0.37 -9.62
N LEU C 41 14.76 -1.26 -9.06
CA LEU C 41 14.74 -2.67 -9.45
C LEU C 41 13.84 -3.52 -8.58
N ILE C 42 13.35 -2.98 -7.47
CA ILE C 42 12.48 -3.75 -6.56
C ILE C 42 11.11 -3.96 -7.19
N PRO C 43 10.64 -5.20 -7.26
CA PRO C 43 9.31 -5.51 -7.77
C PRO C 43 8.19 -4.80 -7.03
N THR C 44 7.10 -4.54 -7.75
CA THR C 44 5.92 -3.90 -7.18
C THR C 44 5.50 -4.59 -5.88
N SER C 45 5.37 -5.92 -5.92
CA SER C 45 5.06 -6.70 -4.73
C SER C 45 5.93 -7.95 -4.73
N SER C 46 6.66 -8.18 -3.64
CA SER C 46 7.56 -9.33 -3.57
C SER C 46 7.56 -9.93 -2.17
N LYS C 47 8.09 -11.15 -2.09
CA LYS C 47 8.18 -11.92 -0.87
C LYS C 47 9.61 -11.96 -0.36
N LEU C 48 9.79 -11.78 0.95
CA LEU C 48 11.11 -11.82 1.58
C LEU C 48 11.06 -12.77 2.78
N VAL C 49 11.93 -13.78 2.78
CA VAL C 49 12.00 -14.76 3.86
C VAL C 49 13.16 -14.41 4.79
N VAL C 50 12.90 -14.42 6.09
CA VAL C 50 13.91 -14.11 7.10
C VAL C 50 13.95 -15.25 8.12
N PHE C 51 15.16 -15.72 8.42
CA PHE C 51 15.37 -16.76 9.41
C PHE C 51 15.94 -16.16 10.69
N ASP C 52 15.38 -16.55 11.82
CA ASP C 52 16.05 -16.28 13.09
C ASP C 52 17.27 -17.19 13.19
N THR C 53 18.36 -16.66 13.76
CA THR C 53 19.59 -17.45 13.81
C THR C 53 19.50 -18.63 14.77
N SER C 54 18.48 -18.68 15.61
CA SER C 54 18.28 -19.81 16.50
C SER C 54 17.53 -20.96 15.83
N LEU C 55 17.13 -20.76 14.57
CA LEU C 55 16.39 -21.79 13.85
C LEU C 55 17.26 -22.97 13.51
N GLN C 56 16.72 -24.17 13.71
CA GLN C 56 17.40 -25.40 13.32
C GLN C 56 17.78 -25.35 11.85
N VAL C 57 19.05 -25.62 11.56
CA VAL C 57 19.57 -25.34 10.22
C VAL C 57 18.99 -26.29 9.18
N LYS C 58 18.52 -27.46 9.59
CA LYS C 58 17.84 -28.35 8.63
C LYS C 58 16.50 -27.75 8.24
N LYS C 59 15.76 -27.23 9.21
CA LYS C 59 14.49 -26.58 8.94
C LYS C 59 14.67 -25.37 8.02
N ALA C 60 15.77 -24.64 8.21
CA ALA C 60 16.03 -23.45 7.42
C ALA C 60 16.23 -23.78 5.94
N PHE C 61 16.99 -24.83 5.65
CA PHE C 61 17.21 -25.22 4.26
C PHE C 61 15.94 -25.78 3.65
N PHE C 62 15.15 -26.52 4.45
CA PHE C 62 13.87 -27.01 3.97
C PHE C 62 12.95 -25.83 3.64
N ALA C 63 12.99 -24.80 4.48
CA ALA C 63 12.15 -23.62 4.26
C ALA C 63 12.53 -22.92 2.96
N LEU C 64 13.83 -22.84 2.67
CA LEU C 64 14.27 -22.24 1.41
C LEU C 64 13.64 -22.92 0.21
N VAL C 65 13.59 -24.26 0.22
CA VAL C 65 12.94 -24.99 -0.86
C VAL C 65 11.45 -24.67 -0.90
N THR C 66 10.79 -24.73 0.27
CA THR C 66 9.35 -24.47 0.36
C THR C 66 8.97 -23.14 -0.28
N ASN C 67 9.75 -22.09 -0.01
CA ASN C 67 9.42 -20.75 -0.49
C ASN C 67 9.99 -20.44 -1.86
N GLY C 68 10.74 -21.36 -2.45
CA GLY C 68 11.35 -21.12 -3.75
C GLY C 68 12.40 -20.04 -3.70
N VAL C 69 13.13 -19.95 -2.60
CA VAL C 69 14.10 -18.88 -2.35
C VAL C 69 15.48 -19.50 -2.20
N ARG C 70 16.47 -18.92 -2.86
CA ARG C 70 17.83 -19.46 -2.83
C ARG C 70 18.72 -18.85 -1.75
N ALA C 71 18.32 -17.75 -1.12
CA ALA C 71 19.08 -17.19 -0.01
C ALA C 71 18.16 -16.33 0.84
N ALA C 72 18.46 -16.23 2.14
CA ALA C 72 17.57 -15.49 3.04
C ALA C 72 18.32 -14.73 4.12
N PRO C 73 17.84 -13.53 4.47
CA PRO C 73 18.39 -12.78 5.61
C PRO C 73 18.35 -13.55 6.92
N LEU C 74 19.39 -13.36 7.73
CA LEU C 74 19.52 -13.99 9.04
C LEU C 74 19.43 -12.92 10.12
N TRP C 75 18.47 -13.09 11.04
CA TRP C 75 18.19 -12.11 12.08
C TRP C 75 18.53 -12.67 13.44
N ASP C 76 19.33 -11.93 14.22
CA ASP C 76 19.73 -12.33 15.56
C ASP C 76 18.87 -11.61 16.60
N SER C 77 18.06 -12.37 17.34
CA SER C 77 17.20 -11.77 18.35
C SER C 77 18.01 -11.19 19.52
N LYS C 78 19.18 -11.79 19.80
CA LYS C 78 20.03 -11.32 20.88
C LYS C 78 20.62 -9.94 20.57
N LYS C 79 21.12 -9.73 19.36
CA LYS C 79 21.73 -8.48 18.98
C LYS C 79 20.77 -7.54 18.26
N GLN C 80 19.53 -7.96 18.05
CA GLN C 80 18.49 -7.15 17.41
C GLN C 80 18.99 -6.51 16.12
N SER C 81 19.61 -7.32 15.27
CA SER C 81 20.17 -6.84 14.01
C SER C 81 20.24 -7.99 13.01
N PHE C 82 20.21 -7.63 11.73
CA PHE C 82 20.46 -8.61 10.67
C PHE C 82 21.95 -8.92 10.62
N VAL C 83 22.28 -10.22 10.64
CA VAL C 83 23.66 -10.67 10.72
C VAL C 83 24.22 -10.96 9.33
N GLY C 84 23.58 -11.85 8.59
CA GLY C 84 24.09 -12.21 7.29
C GLY C 84 23.07 -12.95 6.45
N MET C 85 23.56 -13.62 5.41
CA MET C 85 22.73 -14.39 4.50
C MET C 85 23.01 -15.88 4.64
N LEU C 86 21.94 -16.68 4.65
CA LEU C 86 22.03 -18.13 4.57
C LEU C 86 21.78 -18.55 3.12
N THR C 87 22.80 -19.08 2.46
CA THR C 87 22.74 -19.40 1.04
C THR C 87 22.85 -20.90 0.82
N ILE C 88 22.79 -21.29 -0.46
CA ILE C 88 22.99 -22.69 -0.82
C ILE C 88 24.44 -23.08 -0.59
N THR C 89 25.34 -22.10 -0.65
CA THR C 89 26.75 -22.36 -0.36
C THR C 89 26.92 -22.88 1.06
N ASP C 90 26.13 -22.36 2.00
CA ASP C 90 26.20 -22.84 3.36
C ASP C 90 25.74 -24.30 3.47
N PHE C 91 24.76 -24.68 2.65
CA PHE C 91 24.32 -26.07 2.59
C PHE C 91 25.44 -26.96 2.04
N ILE C 92 26.15 -26.46 1.02
CA ILE C 92 27.24 -27.23 0.41
C ILE C 92 28.37 -27.43 1.42
N ASN C 93 28.74 -26.36 2.13
CA ASN C 93 29.78 -26.44 3.15
C ASN C 93 29.44 -27.45 4.25
N ILE C 94 28.22 -27.38 4.77
CA ILE C 94 27.80 -28.33 5.82
C ILE C 94 27.91 -29.76 5.33
N LEU C 95 27.42 -30.03 4.12
CA LEU C 95 27.49 -31.39 3.59
C LEU C 95 28.93 -31.87 3.49
N HIS C 96 29.76 -31.15 2.75
CA HIS C 96 31.15 -31.59 2.54
C HIS C 96 31.88 -31.75 3.86
N ARG C 97 31.69 -30.81 4.78
CA ARG C 97 32.40 -30.84 6.05
C ARG C 97 32.01 -32.03 6.92
N TYR C 98 30.71 -32.23 7.13
CA TYR C 98 30.23 -33.26 8.06
C TYR C 98 29.75 -34.55 7.43
N TYR C 99 29.70 -34.67 6.11
CA TYR C 99 29.26 -35.93 5.51
C TYR C 99 30.27 -37.04 5.80
N LYS C 100 29.77 -38.14 6.34
CA LYS C 100 30.59 -39.31 6.62
C LYS C 100 30.36 -40.39 5.58
N SER C 101 29.13 -40.93 5.54
CA SER C 101 28.76 -41.89 4.51
C SER C 101 27.24 -42.01 4.46
N ALA C 102 26.76 -42.79 3.51
CA ALA C 102 25.32 -42.96 3.33
C ALA C 102 24.73 -43.93 4.34
N LEU C 103 25.58 -44.54 5.17
CA LEU C 103 25.17 -45.47 6.20
C LEU C 103 24.94 -44.80 7.54
N VAL C 104 25.30 -43.53 7.68
CA VAL C 104 25.15 -42.83 8.96
C VAL C 104 24.63 -41.42 8.68
N GLN C 105 23.69 -40.98 9.51
CA GLN C 105 23.08 -39.68 9.31
C GLN C 105 24.13 -38.59 9.52
N ILE C 106 23.87 -37.41 8.97
CA ILE C 106 24.72 -36.27 9.22
C ILE C 106 24.15 -35.61 10.46
N TYR C 107 24.84 -35.81 11.59
CA TYR C 107 24.28 -35.40 12.88
C TYR C 107 24.28 -33.89 12.98
N GLU C 108 25.36 -33.27 12.51
CA GLU C 108 25.52 -31.83 12.62
C GLU C 108 24.47 -31.10 11.79
N LEU C 109 24.15 -31.64 10.61
CA LEU C 109 23.12 -31.01 9.79
C LEU C 109 21.77 -30.98 10.51
N GLU C 110 21.40 -32.07 11.17
CA GLU C 110 20.12 -32.11 11.85
C GLU C 110 20.13 -31.32 13.16
N GLU C 111 21.19 -31.47 13.96
CA GLU C 111 21.22 -30.89 15.31
C GLU C 111 21.57 -29.40 15.33
N HIS C 112 22.46 -28.94 14.46
CA HIS C 112 22.92 -27.55 14.53
C HIS C 112 21.79 -26.53 14.32
N LYS C 113 22.05 -25.32 14.81
CA LYS C 113 21.24 -24.14 14.58
C LYS C 113 22.01 -23.22 13.66
N ILE C 114 21.29 -22.36 12.93
CA ILE C 114 21.92 -21.42 12.00
C ILE C 114 23.08 -20.68 12.68
N GLU C 115 22.89 -20.28 13.93
CA GLU C 115 23.94 -19.55 14.63
C GLU C 115 25.11 -20.46 14.99
N THR C 116 24.81 -21.66 15.51
CA THR C 116 25.87 -22.58 15.92
C THR C 116 26.80 -22.90 14.75
N TRP C 117 26.24 -23.16 13.57
CA TRP C 117 27.10 -23.46 12.43
C TRP C 117 27.76 -22.20 11.90
N ARG C 118 27.11 -21.05 12.04
CA ARG C 118 27.71 -19.81 11.56
C ARG C 118 28.93 -19.49 12.39
N GLU C 119 28.91 -19.83 13.68
CA GLU C 119 30.07 -19.66 14.53
C GLU C 119 31.21 -20.59 14.12
N VAL C 120 30.90 -21.88 13.91
CA VAL C 120 31.94 -22.83 13.49
C VAL C 120 32.51 -22.43 12.13
N TYR C 121 31.63 -22.20 11.16
CA TYR C 121 32.05 -21.82 9.81
C TYR C 121 32.73 -20.46 9.80
N LEU C 122 32.21 -19.49 10.53
CA LEU C 122 32.74 -18.12 10.51
C LEU C 122 33.80 -17.90 11.59
N GLN C 123 34.13 -18.93 12.36
CA GLN C 123 35.11 -18.77 13.43
C GLN C 123 36.47 -18.36 12.87
N ASP C 124 36.87 -18.97 11.75
CA ASP C 124 38.16 -18.67 11.16
C ASP C 124 38.25 -17.22 10.71
N SER C 125 37.20 -16.70 10.09
CA SER C 125 37.18 -15.34 9.55
C SER C 125 35.90 -14.63 9.98
N PHE C 126 36.02 -13.46 10.60
CA PHE C 126 34.85 -12.69 11.01
C PHE C 126 34.63 -11.56 10.00
N LYS C 127 33.50 -11.62 9.28
CA LYS C 127 33.10 -10.60 8.31
C LYS C 127 31.71 -10.09 8.64
N PRO C 128 31.51 -8.78 8.77
CA PRO C 128 30.17 -8.27 9.07
C PRO C 128 29.39 -7.92 7.81
N LEU C 129 28.27 -8.62 7.54
CA LEU C 129 27.50 -8.33 6.34
C LEU C 129 26.97 -6.91 6.40
N VAL C 130 27.08 -6.18 5.28
CA VAL C 130 26.63 -4.80 5.20
C VAL C 130 25.58 -4.66 4.10
N CYS C 131 24.43 -4.10 4.45
CA CYS C 131 23.32 -3.87 3.54
C CYS C 131 23.55 -2.65 2.66
N ILE C 132 22.82 -2.59 1.54
CA ILE C 132 22.89 -1.48 0.61
C ILE C 132 21.58 -0.71 0.69
N SER C 133 21.66 0.60 0.86
CA SER C 133 20.46 1.42 1.01
C SER C 133 19.69 1.48 -0.32
N PRO C 134 18.36 1.55 -0.26
CA PRO C 134 17.57 1.64 -1.50
C PRO C 134 17.85 2.90 -2.30
N ASN C 135 18.33 3.95 -1.65
CA ASN C 135 18.62 5.22 -2.29
C ASN C 135 19.98 5.23 -2.97
N ALA C 136 20.82 4.23 -2.70
CA ALA C 136 22.10 4.12 -3.39
C ALA C 136 21.86 3.74 -4.85
N SER C 137 22.87 3.97 -5.68
CA SER C 137 22.74 3.71 -7.11
C SER C 137 23.02 2.26 -7.46
N LEU C 138 22.85 1.92 -8.73
CA LEU C 138 23.19 0.59 -9.24
C LEU C 138 24.69 0.43 -9.38
N PHE C 139 25.40 1.54 -9.54
CA PHE C 139 26.85 1.51 -9.63
C PHE C 139 27.44 1.13 -8.28
N ASP C 140 26.82 1.59 -7.20
CA ASP C 140 27.20 1.17 -5.85
C ASP C 140 26.97 -0.32 -5.66
N ALA C 141 25.81 -0.81 -6.11
CA ALA C 141 25.45 -2.22 -5.92
C ALA C 141 26.38 -3.14 -6.68
N VAL C 142 26.60 -2.86 -7.97
CA VAL C 142 27.49 -3.68 -8.78
C VAL C 142 28.91 -3.63 -8.24
N SER C 143 29.32 -2.45 -7.75
CA SER C 143 30.63 -2.34 -7.11
C SER C 143 30.71 -3.18 -5.84
N SER C 144 29.64 -3.21 -5.04
CA SER C 144 29.64 -3.99 -3.81
C SER C 144 29.65 -5.49 -4.08
N LEU C 145 28.95 -5.93 -5.12
CA LEU C 145 28.95 -7.35 -5.47
C LEU C 145 30.33 -7.83 -5.87
N ILE C 146 31.06 -7.01 -6.63
CA ILE C 146 32.39 -7.37 -7.09
C ILE C 146 33.42 -7.29 -5.97
N ARG C 147 33.39 -6.19 -5.21
CA ARG C 147 34.38 -5.98 -4.15
C ARG C 147 34.31 -7.04 -3.06
N ASN C 148 33.12 -7.51 -2.73
CA ASN C 148 32.94 -8.52 -1.70
C ASN C 148 32.87 -9.93 -2.26
N LYS C 149 32.89 -10.07 -3.59
CA LYS C 149 32.81 -11.36 -4.25
C LYS C 149 31.56 -12.14 -3.83
N ILE C 150 30.42 -11.42 -3.77
CA ILE C 150 29.16 -11.99 -3.34
C ILE C 150 28.17 -11.99 -4.49
N HIS C 151 27.23 -12.94 -4.45
CA HIS C 151 26.11 -12.97 -5.39
C HIS C 151 24.79 -12.47 -4.80
N ARG C 152 24.73 -12.19 -3.50
CA ARG C 152 23.50 -11.80 -2.82
C ARG C 152 23.72 -10.51 -2.03
N LEU C 153 23.10 -9.42 -2.45
CA LEU C 153 23.22 -8.13 -1.79
C LEU C 153 21.89 -7.68 -1.20
N PRO C 154 21.71 -7.76 0.12
CA PRO C 154 20.45 -7.31 0.74
C PRO C 154 20.27 -5.80 0.72
N VAL C 155 19.10 -5.36 0.25
CA VAL C 155 18.73 -3.95 0.25
C VAL C 155 17.95 -3.66 1.52
N ILE C 156 18.48 -2.80 2.39
CA ILE C 156 17.87 -2.49 3.68
C ILE C 156 17.60 -1.00 3.81
N ASP C 157 16.38 -0.66 4.20
CA ASP C 157 15.97 0.72 4.44
C ASP C 157 16.59 1.23 5.74
N PRO C 158 17.46 2.24 5.69
CA PRO C 158 18.13 2.72 6.91
C PRO C 158 17.19 3.39 7.90
N GLU C 159 16.08 3.97 7.43
CA GLU C 159 15.13 4.62 8.32
C GLU C 159 14.40 3.60 9.19
N SER C 160 13.71 2.65 8.55
CA SER C 160 12.93 1.68 9.32
C SER C 160 13.79 0.57 9.87
N GLY C 161 14.89 0.26 9.20
CA GLY C 161 15.74 -0.84 9.60
C GLY C 161 15.27 -2.16 9.06
N ASN C 162 14.29 -2.14 8.17
CA ASN C 162 13.72 -3.33 7.55
C ASN C 162 14.51 -3.72 6.32
N THR C 163 14.74 -5.02 6.15
CA THR C 163 15.33 -5.51 4.92
C THR C 163 14.24 -5.53 3.86
N LEU C 164 14.56 -5.01 2.67
CA LEU C 164 13.57 -4.82 1.62
C LEU C 164 13.65 -5.89 0.54
N TYR C 165 14.79 -5.99 -0.12
CA TYR C 165 14.90 -6.83 -1.31
C TYR C 165 16.31 -7.38 -1.45
N ILE C 166 16.42 -8.63 -1.89
CA ILE C 166 17.72 -9.26 -2.15
C ILE C 166 18.08 -9.03 -3.62
N LEU C 167 19.17 -8.31 -3.84
CA LEU C 167 19.56 -7.88 -5.18
C LEU C 167 20.64 -8.82 -5.73
N THR C 168 20.50 -9.24 -6.98
CA THR C 168 21.40 -10.21 -7.58
C THR C 168 21.96 -9.69 -8.90
N HIS C 169 23.01 -10.37 -9.38
CA HIS C 169 23.58 -10.08 -10.70
C HIS C 169 22.53 -10.22 -11.79
N LYS C 170 21.74 -11.30 -11.74
CA LYS C 170 20.74 -11.57 -12.77
C LYS C 170 19.67 -10.50 -12.80
N ARG C 171 19.21 -10.03 -11.64
CA ARG C 171 18.21 -8.98 -11.61
C ARG C 171 18.73 -7.72 -12.27
N ILE C 172 19.98 -7.36 -12.00
CA ILE C 172 20.57 -6.14 -12.53
C ILE C 172 20.79 -6.25 -14.05
N LEU C 173 21.29 -7.41 -14.52
CA LEU C 173 21.54 -7.55 -15.95
C LEU C 173 20.25 -7.58 -16.76
N LYS C 174 19.18 -8.16 -16.20
CA LYS C 174 17.90 -8.16 -16.91
C LYS C 174 17.35 -6.74 -16.99
N PHE C 175 17.59 -5.95 -15.95
CA PHE C 175 17.19 -4.55 -15.95
C PHE C 175 17.93 -3.76 -17.03
N LEU C 176 19.24 -3.95 -17.14
CA LEU C 176 20.03 -3.28 -18.16
C LEU C 176 19.62 -3.69 -19.57
N LYS C 177 19.26 -4.97 -19.75
CA LYS C 177 18.87 -5.46 -21.08
C LYS C 177 17.61 -4.76 -21.58
N LEU C 178 16.60 -4.64 -20.71
CA LEU C 178 15.35 -4.00 -21.10
C LEU C 178 15.56 -2.51 -21.42
N PHE C 179 16.38 -1.82 -20.64
CA PHE C 179 16.57 -0.38 -20.75
C PHE C 179 17.60 0.08 -21.79
N ILE C 180 18.75 -0.57 -21.88
CA ILE C 180 19.81 -0.05 -22.76
C ILE C 180 19.59 -0.42 -24.23
N THR C 181 18.88 -1.52 -24.52
CA THR C 181 18.59 -1.89 -25.90
C THR C 181 17.95 -0.74 -26.67
N GLU C 182 17.14 0.08 -25.99
CA GLU C 182 16.51 1.24 -26.63
C GLU C 182 17.53 2.26 -27.09
N PHE C 183 18.63 2.45 -26.36
CA PHE C 183 19.57 3.53 -26.62
C PHE C 183 20.78 3.06 -27.41
N PRO C 184 21.62 4.01 -27.86
CA PRO C 184 22.91 3.65 -28.46
C PRO C 184 23.82 2.99 -27.45
N LYS C 185 24.63 2.05 -27.95
CA LYS C 185 25.55 1.29 -27.12
C LYS C 185 26.99 1.56 -27.55
N PRO C 186 27.93 1.60 -26.61
CA PRO C 186 29.31 1.97 -26.94
C PRO C 186 29.99 0.87 -27.74
N GLU C 187 31.15 1.22 -28.33
CA GLU C 187 31.88 0.30 -29.19
C GLU C 187 32.27 -0.98 -28.46
N PHE C 188 32.38 -0.92 -27.13
CA PHE C 188 32.81 -2.07 -26.33
C PHE C 188 31.88 -3.27 -26.51
N MET C 189 30.60 -3.03 -26.79
CA MET C 189 29.62 -4.12 -26.90
C MET C 189 29.75 -4.93 -28.17
N SER C 190 30.32 -4.37 -29.24
CA SER C 190 30.46 -5.08 -30.50
C SER C 190 31.77 -5.86 -30.57
N LYS C 191 32.64 -5.69 -29.59
CA LYS C 191 33.88 -6.45 -29.51
C LYS C 191 33.61 -7.90 -29.15
N SER C 192 34.41 -8.80 -29.73
CA SER C 192 34.26 -10.22 -29.46
C SER C 192 34.70 -10.56 -28.03
N LEU C 193 34.23 -11.72 -27.57
CA LEU C 193 34.57 -12.21 -26.23
C LEU C 193 36.08 -12.35 -26.05
N GLU C 194 36.77 -12.76 -27.10
CA GLU C 194 38.23 -12.94 -27.04
C GLU C 194 38.95 -11.61 -26.86
N GLU C 195 38.57 -10.61 -27.65
CA GLU C 195 39.19 -9.29 -27.58
C GLU C 195 39.04 -8.68 -26.19
N LEU C 196 37.83 -8.74 -25.63
CA LEU C 196 37.58 -8.12 -24.33
C LEU C 196 38.20 -8.90 -23.17
N GLN C 197 38.47 -10.19 -23.37
CA GLN C 197 39.01 -11.07 -22.33
C GLN C 197 38.09 -11.14 -21.11
N ILE C 198 36.81 -11.39 -21.36
CA ILE C 198 35.83 -11.54 -20.30
C ILE C 198 35.69 -13.00 -19.94
N GLY C 199 35.81 -13.32 -18.66
CA GLY C 199 35.68 -14.67 -18.15
C GLY C 199 37.02 -15.28 -17.78
N THR C 200 36.93 -16.46 -17.16
CA THR C 200 38.11 -17.21 -16.71
C THR C 200 38.44 -18.27 -17.76
N TYR C 201 39.63 -18.16 -18.34
CA TYR C 201 40.10 -19.12 -19.34
C TYR C 201 41.18 -20.08 -18.86
N ALA C 202 41.55 -20.06 -17.58
CA ALA C 202 42.56 -20.98 -17.07
C ALA C 202 42.16 -21.53 -15.71
N ASN C 203 42.57 -22.77 -15.45
CA ASN C 203 42.26 -23.49 -14.22
C ASN C 203 40.76 -23.65 -14.01
N ILE C 204 40.08 -24.17 -15.03
CA ILE C 204 38.63 -24.31 -14.96
C ILE C 204 38.30 -25.52 -14.10
N ALA C 205 37.63 -25.28 -12.98
CA ALA C 205 37.24 -26.36 -12.09
C ALA C 205 36.07 -27.10 -12.72
N MET C 206 36.23 -28.40 -12.95
CA MET C 206 35.20 -29.17 -13.61
C MET C 206 35.24 -30.61 -13.12
N VAL C 207 34.14 -31.33 -13.37
CA VAL C 207 34.02 -32.71 -12.93
C VAL C 207 33.77 -33.63 -14.11
N ARG C 208 33.62 -34.92 -13.82
CA ARG C 208 33.36 -35.95 -14.80
C ARG C 208 31.94 -36.46 -14.59
N THR C 209 31.39 -37.07 -15.64
CA THR C 209 30.03 -37.61 -15.56
C THR C 209 29.86 -38.55 -14.38
N THR C 210 30.92 -39.27 -14.00
CA THR C 210 30.89 -40.23 -12.92
C THR C 210 31.38 -39.68 -11.59
N THR C 211 31.81 -38.42 -11.54
CA THR C 211 32.31 -37.84 -10.29
C THR C 211 31.22 -37.81 -9.22
N PRO C 212 31.50 -38.31 -8.02
CA PRO C 212 30.52 -38.27 -6.92
C PRO C 212 30.15 -36.85 -6.53
N VAL C 213 28.91 -36.69 -6.07
CA VAL C 213 28.42 -35.39 -5.61
C VAL C 213 29.34 -34.83 -4.52
N TYR C 214 29.71 -35.69 -3.56
CA TYR C 214 30.58 -35.26 -2.46
C TYR C 214 31.86 -34.65 -2.99
N VAL C 215 32.44 -35.25 -4.04
CA VAL C 215 33.66 -34.72 -4.62
C VAL C 215 33.39 -33.35 -5.25
N ALA C 216 32.28 -33.24 -5.99
CA ALA C 216 31.93 -31.97 -6.60
C ALA C 216 31.71 -30.90 -5.54
N LEU C 217 31.07 -31.27 -4.42
CA LEU C 217 30.90 -30.33 -3.33
C LEU C 217 32.25 -29.85 -2.81
N GLY C 218 33.21 -30.77 -2.70
CA GLY C 218 34.54 -30.41 -2.25
C GLY C 218 35.20 -29.39 -3.15
N ILE C 219 34.94 -29.49 -4.45
CA ILE C 219 35.52 -28.55 -5.40
C ILE C 219 34.86 -27.18 -5.25
N PHE C 220 33.55 -27.17 -5.01
CA PHE C 220 32.87 -25.92 -4.69
C PHE C 220 33.53 -25.24 -3.49
N VAL C 221 33.86 -26.02 -2.47
CA VAL C 221 34.43 -25.48 -1.24
C VAL C 221 35.82 -24.92 -1.48
N GLN C 222 36.65 -25.64 -2.26
CA GLN C 222 38.02 -25.21 -2.48
C GLN C 222 38.12 -24.03 -3.46
N HIS C 223 37.45 -24.13 -4.61
CA HIS C 223 37.57 -23.10 -5.64
C HIS C 223 36.55 -21.97 -5.54
N ARG C 224 35.48 -22.15 -4.76
CA ARG C 224 34.45 -21.12 -4.61
C ARG C 224 33.91 -20.64 -5.96
N VAL C 225 33.47 -21.58 -6.79
CA VAL C 225 32.95 -21.26 -8.10
C VAL C 225 31.45 -21.54 -8.15
N SER C 226 30.76 -20.80 -9.03
CA SER C 226 29.31 -20.94 -9.16
C SER C 226 28.90 -22.32 -9.65
N ALA C 227 29.60 -22.88 -10.64
CA ALA C 227 29.19 -24.14 -11.24
C ALA C 227 30.38 -24.90 -11.80
N LEU C 228 30.21 -26.22 -11.93
CA LEU C 228 31.25 -27.12 -12.43
C LEU C 228 30.81 -27.82 -13.71
N PRO C 229 31.44 -27.54 -14.85
CA PRO C 229 31.13 -28.26 -16.10
C PRO C 229 31.33 -29.77 -15.97
N VAL C 230 30.36 -30.53 -16.48
CA VAL C 230 30.42 -31.99 -16.50
C VAL C 230 30.91 -32.43 -17.88
N VAL C 231 32.10 -33.02 -17.94
CA VAL C 231 32.77 -33.32 -19.21
C VAL C 231 32.91 -34.83 -19.41
N ASP C 232 33.03 -35.22 -20.69
CA ASP C 232 33.21 -36.61 -21.07
C ASP C 232 34.69 -36.98 -21.19
N GLU C 233 34.95 -38.11 -21.83
CA GLU C 233 36.32 -38.61 -22.05
C GLU C 233 37.25 -37.56 -22.67
N LYS C 234 36.78 -36.84 -23.67
CA LYS C 234 37.64 -35.93 -24.44
C LYS C 234 37.62 -34.50 -23.92
N GLY C 235 36.91 -34.24 -22.83
CA GLY C 235 36.81 -32.91 -22.28
C GLY C 235 35.68 -32.10 -22.85
N ARG C 236 34.73 -32.75 -23.53
CA ARG C 236 33.59 -32.09 -24.15
C ARG C 236 32.45 -31.99 -23.16
N VAL C 237 31.95 -30.77 -22.94
CA VAL C 237 30.94 -30.55 -21.90
C VAL C 237 29.63 -31.21 -22.33
N VAL C 238 29.17 -32.18 -21.54
CA VAL C 238 27.85 -32.79 -21.76
C VAL C 238 26.77 -32.27 -20.83
N ASP C 239 27.13 -31.54 -19.78
CA ASP C 239 26.17 -31.06 -18.79
C ASP C 239 26.90 -30.05 -17.89
N ILE C 240 26.17 -29.48 -16.93
CA ILE C 240 26.80 -28.63 -15.92
C ILE C 240 26.11 -28.82 -14.58
N TYR C 241 26.92 -28.96 -13.53
CA TYR C 241 26.47 -29.12 -12.15
C TYR C 241 26.73 -27.80 -11.44
N SER C 242 25.67 -27.09 -11.09
CA SER C 242 25.83 -25.78 -10.47
C SER C 242 25.61 -25.87 -8.96
N LYS C 243 25.87 -24.74 -8.29
CA LYS C 243 25.59 -24.67 -6.86
C LYS C 243 24.09 -24.73 -6.62
N PHE C 244 23.33 -24.19 -7.58
CA PHE C 244 21.88 -24.21 -7.50
C PHE C 244 21.36 -25.64 -7.53
N ASP C 245 21.93 -26.47 -8.41
CA ASP C 245 21.52 -27.87 -8.53
C ASP C 245 21.64 -28.62 -7.21
N VAL C 246 22.62 -28.24 -6.39
CA VAL C 246 22.85 -28.91 -5.11
C VAL C 246 21.60 -28.88 -4.23
N ILE C 247 20.84 -27.78 -4.27
CA ILE C 247 19.70 -27.64 -3.38
C ILE C 247 18.65 -28.70 -3.64
N ASN C 248 18.70 -29.36 -4.80
CA ASN C 248 17.74 -30.42 -5.10
C ASN C 248 17.90 -31.58 -4.13
N LEU C 249 19.08 -31.73 -3.52
CA LEU C 249 19.29 -32.75 -2.50
C LEU C 249 18.34 -32.52 -1.32
N ALA C 250 18.15 -31.26 -0.94
CA ALA C 250 17.22 -30.93 0.14
C ALA C 250 15.78 -31.11 -0.32
N ALA C 251 15.51 -30.80 -1.58
CA ALA C 251 14.16 -30.90 -2.13
C ALA C 251 13.64 -32.34 -2.05
N GLU C 252 14.43 -33.29 -2.52
CA GLU C 252 14.03 -34.69 -2.51
C GLU C 252 14.46 -35.41 -1.25
N LYS C 253 15.17 -34.72 -0.36
CA LYS C 253 15.69 -35.30 0.87
C LYS C 253 16.62 -36.47 0.59
N THR C 254 17.46 -36.32 -0.43
CA THR C 254 18.50 -37.29 -0.76
C THR C 254 19.88 -36.87 -0.24
N TYR C 255 19.95 -35.78 0.54
CA TYR C 255 21.23 -35.24 1.00
C TYR C 255 22.09 -36.24 1.76
N ASN C 256 21.51 -37.30 2.31
CA ASN C 256 22.26 -38.25 3.14
C ASN C 256 23.00 -39.30 2.33
N ASN C 257 22.88 -39.28 1.00
CA ASN C 257 23.73 -40.10 0.13
C ASN C 257 24.38 -39.19 -0.91
N LEU C 258 25.67 -38.89 -0.71
CA LEU C 258 26.43 -38.08 -1.64
C LEU C 258 27.36 -38.92 -2.50
N ASP C 259 27.29 -40.26 -2.38
CA ASP C 259 28.17 -41.15 -3.11
C ASP C 259 27.81 -41.23 -4.58
N VAL C 260 26.55 -40.93 -4.93
CA VAL C 260 26.11 -41.02 -6.32
C VAL C 260 26.86 -40.01 -7.18
N SER C 261 26.91 -40.30 -8.48
CA SER C 261 27.57 -39.42 -9.42
C SER C 261 26.72 -38.17 -9.66
N VAL C 262 27.37 -37.12 -10.18
CA VAL C 262 26.64 -35.90 -10.51
C VAL C 262 25.63 -36.15 -11.62
N THR C 263 25.89 -37.15 -12.47
CA THR C 263 24.93 -37.52 -13.49
C THR C 263 23.64 -38.04 -12.87
N LYS C 264 23.76 -38.94 -11.88
CA LYS C 264 22.59 -39.46 -11.20
C LYS C 264 21.87 -38.35 -10.43
N ALA C 265 22.63 -37.37 -9.92
CA ALA C 265 22.03 -36.25 -9.20
C ALA C 265 21.22 -35.36 -10.14
N LEU C 266 21.66 -35.22 -11.39
CA LEU C 266 21.02 -34.33 -12.35
C LEU C 266 19.90 -35.01 -13.12
N GLN C 267 19.59 -36.26 -12.79
CA GLN C 267 18.49 -36.96 -13.46
C GLN C 267 17.15 -36.30 -13.21
N HIS C 268 17.03 -35.56 -12.09
CA HIS C 268 15.78 -34.92 -11.73
C HIS C 268 15.30 -33.95 -12.79
N ARG C 269 16.21 -33.23 -13.44
CA ARG C 269 15.87 -32.23 -14.43
C ARG C 269 15.99 -32.72 -15.87
N SER C 270 16.33 -33.99 -16.07
CA SER C 270 16.45 -34.53 -17.42
C SER C 270 15.09 -34.75 -18.07
N HIS C 271 14.00 -34.63 -17.30
CA HIS C 271 12.67 -34.82 -17.84
C HIS C 271 12.37 -33.79 -18.93
N TYR C 272 12.63 -32.52 -18.65
CA TYR C 272 12.65 -31.48 -19.66
C TYR C 272 14.10 -31.00 -19.71
N PHE C 273 14.91 -31.65 -20.54
CA PHE C 273 16.32 -31.36 -20.49
C PHE C 273 16.65 -30.32 -21.54
N GLU C 274 17.46 -29.35 -21.16
CA GLU C 274 17.99 -28.35 -22.06
C GLU C 274 19.48 -28.59 -22.20
N GLY C 275 19.95 -28.73 -23.44
CA GLY C 275 21.37 -28.94 -23.66
C GLY C 275 22.16 -27.81 -23.04
N VAL C 276 23.25 -28.18 -22.34
CA VAL C 276 24.05 -27.19 -21.63
C VAL C 276 24.38 -26.03 -22.56
N LEU C 277 24.17 -24.82 -22.08
CA LEU C 277 24.36 -23.64 -22.89
C LEU C 277 25.83 -23.29 -23.00
N LYS C 278 26.20 -22.76 -24.17
CA LYS C 278 27.60 -22.48 -24.47
C LYS C 278 27.69 -21.16 -25.24
N CYS C 279 28.93 -20.76 -25.52
CA CYS C 279 29.24 -19.60 -26.34
C CYS C 279 30.64 -19.78 -26.90
N TYR C 280 30.97 -18.99 -27.92
CA TYR C 280 32.26 -19.08 -28.57
C TYR C 280 33.03 -17.77 -28.38
N LEU C 281 34.35 -17.86 -28.58
CA LEU C 281 35.22 -16.69 -28.40
C LEU C 281 34.98 -15.62 -29.46
N HIS C 282 34.53 -16.02 -30.65
CA HIS C 282 34.33 -15.06 -31.73
C HIS C 282 33.04 -14.27 -31.59
N GLU C 283 32.13 -14.70 -30.73
CA GLU C 283 30.85 -14.02 -30.58
C GLU C 283 31.00 -12.74 -29.76
N THR C 284 30.14 -11.77 -30.06
CA THR C 284 30.17 -10.47 -29.43
C THR C 284 29.56 -10.51 -28.04
N LEU C 285 29.97 -9.57 -27.19
CA LEU C 285 29.42 -9.48 -25.85
C LEU C 285 27.91 -9.30 -25.87
N GLU C 286 27.40 -8.57 -26.87
CA GLU C 286 25.97 -8.36 -26.99
C GLU C 286 25.25 -9.67 -27.28
N THR C 287 25.78 -10.46 -28.22
CA THR C 287 25.20 -11.78 -28.51
C THR C 287 25.12 -12.64 -27.26
N ILE C 288 26.20 -12.64 -26.46
CA ILE C 288 26.28 -13.48 -25.27
C ILE C 288 25.28 -13.03 -24.21
N ILE C 289 25.20 -11.71 -23.96
CA ILE C 289 24.28 -11.20 -22.95
C ILE C 289 22.83 -11.48 -23.34
N ASN C 290 22.53 -11.40 -24.64
CA ASN C 290 21.18 -11.74 -25.10
C ASN C 290 20.84 -13.20 -24.80
N ARG C 291 21.81 -14.10 -25.01
CA ARG C 291 21.59 -15.51 -24.71
C ARG C 291 21.40 -15.74 -23.21
N LEU C 292 22.17 -15.03 -22.38
CA LEU C 292 22.05 -15.16 -20.94
C LEU C 292 20.67 -14.74 -20.45
N VAL C 293 20.23 -13.54 -20.84
CA VAL C 293 18.97 -13.02 -20.34
C VAL C 293 17.79 -13.83 -20.89
N GLU C 294 17.86 -14.24 -22.15
CA GLU C 294 16.79 -15.04 -22.74
C GLU C 294 16.65 -16.38 -22.03
N ALA C 295 17.77 -17.02 -21.72
CA ALA C 295 17.75 -18.30 -21.03
C ALA C 295 17.61 -18.12 -19.52
N GLU C 296 17.86 -16.92 -19.00
CA GLU C 296 17.84 -16.63 -17.57
C GLU C 296 18.82 -17.52 -16.80
N VAL C 297 20.06 -17.57 -17.29
CA VAL C 297 21.09 -18.40 -16.68
C VAL C 297 22.25 -17.53 -16.21
N HIS C 298 23.02 -18.07 -15.28
CA HIS C 298 24.12 -17.34 -14.65
C HIS C 298 25.40 -17.30 -15.49
N ARG C 299 25.71 -18.36 -16.25
CA ARG C 299 26.96 -18.34 -17.01
C ARG C 299 26.90 -19.25 -18.23
N LEU C 300 27.81 -19.01 -19.17
CA LEU C 300 27.93 -19.79 -20.40
C LEU C 300 29.31 -20.41 -20.50
N VAL C 301 29.36 -21.65 -20.99
CA VAL C 301 30.61 -22.39 -21.16
C VAL C 301 31.23 -22.05 -22.51
N VAL C 302 32.41 -21.42 -22.50
CA VAL C 302 33.11 -21.10 -23.73
C VAL C 302 33.74 -22.37 -24.28
N VAL C 303 33.41 -22.73 -25.53
CA VAL C 303 33.88 -23.97 -26.11
C VAL C 303 34.44 -23.73 -27.51
N ASP C 304 35.18 -24.74 -28.00
CA ASP C 304 35.70 -24.76 -29.35
C ASP C 304 34.77 -25.57 -30.27
N GLU C 305 35.23 -25.83 -31.49
CA GLU C 305 34.43 -26.54 -32.49
C GLU C 305 33.93 -27.90 -32.01
N ASN C 306 34.69 -28.57 -31.14
CA ASN C 306 34.34 -29.90 -30.65
C ASN C 306 33.67 -29.92 -29.28
N ASP C 307 33.19 -28.79 -28.78
CA ASP C 307 32.54 -28.64 -27.47
C ASP C 307 33.49 -28.85 -26.30
N VAL C 308 34.80 -28.67 -26.49
CA VAL C 308 35.76 -28.81 -25.39
C VAL C 308 35.83 -27.48 -24.65
N VAL C 309 35.90 -27.54 -23.33
CA VAL C 309 35.72 -26.36 -22.48
C VAL C 309 36.98 -25.50 -22.52
N LYS C 310 36.85 -24.30 -23.11
CA LYS C 310 37.91 -23.29 -23.11
C LYS C 310 37.83 -22.35 -21.91
N GLY C 311 36.62 -21.97 -21.48
CA GLY C 311 36.48 -21.02 -20.39
C GLY C 311 35.04 -20.86 -19.98
N ILE C 312 34.80 -19.92 -19.06
CA ILE C 312 33.49 -19.70 -18.48
C ILE C 312 33.22 -18.20 -18.34
N VAL C 313 32.09 -17.74 -18.87
CA VAL C 313 31.66 -16.35 -18.77
C VAL C 313 30.42 -16.27 -17.89
N SER C 314 30.56 -15.67 -16.71
CA SER C 314 29.47 -15.54 -15.75
C SER C 314 28.82 -14.16 -15.84
N LEU C 315 27.78 -13.96 -15.03
CA LEU C 315 27.16 -12.64 -14.94
C LEU C 315 28.08 -11.67 -14.22
N SER C 316 28.82 -12.16 -13.22
CA SER C 316 29.71 -11.31 -12.44
C SER C 316 30.90 -10.87 -13.29
N ASP C 317 31.31 -11.70 -14.24
CA ASP C 317 32.37 -11.31 -15.18
C ASP C 317 31.89 -10.15 -16.05
N ILE C 318 30.68 -10.29 -16.63
CA ILE C 318 30.16 -9.30 -17.55
C ILE C 318 29.84 -8.01 -16.82
N LEU C 319 29.24 -8.09 -15.63
CA LEU C 319 28.93 -6.88 -14.87
C LEU C 319 30.19 -6.17 -14.38
N GLN C 320 31.31 -6.87 -14.28
CA GLN C 320 32.56 -6.18 -13.98
C GLN C 320 33.11 -5.48 -15.23
N ALA C 321 32.93 -6.10 -16.39
CA ALA C 321 33.34 -5.49 -17.65
C ALA C 321 32.54 -4.23 -17.95
N LEU C 322 31.25 -4.24 -17.60
CA LEU C 322 30.38 -3.10 -17.88
C LEU C 322 30.54 -1.98 -16.88
N VAL C 323 30.97 -2.29 -15.65
CA VAL C 323 31.11 -1.25 -14.62
C VAL C 323 32.42 -0.51 -14.75
N LEU C 324 33.35 -1.00 -15.56
CA LEU C 324 34.62 -0.35 -15.82
C LEU C 324 34.67 0.19 -17.23
N THR C 325 35.16 1.42 -17.39
CA THR C 325 35.23 2.06 -18.70
C THR C 325 36.22 1.32 -19.60
C6 R34 D . -26.25 36.68 3.29
C21 R34 D . -25.55 36.06 4.32
C5 R34 D . -25.81 36.57 1.97
N7 R34 D . -26.64 37.24 1.18
C4 R34 D . -24.65 35.82 1.69
C3 R34 D . -23.95 35.20 2.72
C2 R34 D . -24.39 35.33 4.05
C1 R34 D . -26.53 37.36 -0.25
C7 R34 D . -23.64 34.65 5.21
C10 R34 D . -22.29 34.93 5.47
C11 R34 D . -21.64 34.29 6.55
C12 R34 D . -22.34 33.37 7.35
C13 R34 D . -23.69 33.10 7.08
C14 R34 D . -24.35 33.74 6.01
N21 R34 D . -22.00 32.61 8.44
N22 R34 D . -24.10 32.18 8.02
C23 R34 D . -23.06 31.91 8.83
O25 R34 D . -23.10 31.08 9.82
C26 R34 D . -24.23 30.26 10.00
C27 R34 D . -25.26 30.64 10.82
C28 R34 D . -26.36 29.81 10.98
C29 R34 D . -26.41 28.59 10.30
C30 R34 D . -25.35 28.22 9.48
C31 R34 D . -24.27 29.06 9.34
C32 R34 D . -27.62 27.70 10.48
CL1 R34 D . -21.37 36.06 4.50
C8 R34 D . -27.41 37.50 3.23
C9 R34 D . -27.61 37.79 1.89
C18 R34 D . -25.35 26.90 8.71
N8 R34 D . -26.15 26.73 7.54
O20 R34 D . -24.65 26.00 9.07
O21 R34 D . -27.30 27.57 7.59
O4 STU E . -26.64 22.23 -3.19
C25 STU E . -27.29 22.11 -4.48
C24 STU E . -27.65 20.62 -4.77
C23 STU E . -27.55 19.86 -3.48
C22 STU E . -26.13 19.89 -3.06
C21 STU E . -25.77 21.24 -2.62
C26 STU E . -25.99 21.32 -1.10
N2 STU E . -24.37 21.48 -2.95
C18 STU E . -24.14 22.10 -4.23
C19 STU E . -24.97 22.55 -5.23
C6 STU E . -24.41 23.13 -6.40
C7 STU E . -23.01 23.24 -6.53
C10 STU E . -22.19 22.79 -5.54
C11 STU E . -22.74 22.21 -4.39
C12 STU E . -22.07 21.63 -3.14
C17 STU E . -23.11 21.19 -2.30
C16 STU E . -22.80 20.60 -1.08
C15 STU E . -21.49 20.46 -0.67
C14 STU E . -20.46 20.88 -1.48
C13 STU E . -20.73 21.47 -2.72
C9 STU E . -20.72 23.01 -5.90
N1 STU E . -20.76 23.54 -7.26
C8 STU E . -22.14 23.79 -7.61
O5 STU E . -22.60 24.45 -8.76
C5 STU E . -25.56 23.53 -7.32
C20 STU E . -26.73 23.17 -6.64
C1 STU E . -27.98 23.40 -7.21
C2 STU E . -28.09 23.99 -8.44
C3 STU E . -26.96 24.37 -9.14
C4 STU E . -25.69 24.14 -8.59
N3 STU E . -26.37 22.56 -5.38
O6 STU E . -25.32 19.52 -4.20
C27 STU E . -24.50 18.34 -3.98
N4 STU E . -27.97 18.49 -3.70
C28 STU E . -27.90 17.74 -2.45
P AMP F . 30.63 -16.80 -10.42
O1P AMP F . 29.87 -15.61 -9.89
O2P AMP F . 29.98 -17.47 -11.61
O3P AMP F . 31.15 -17.75 -9.37
O5' AMP F . 31.93 -16.13 -11.06
C5' AMP F . 32.99 -15.67 -10.23
C4' AMP F . 34.33 -15.92 -10.88
O4' AMP F . 34.58 -17.36 -10.91
C3' AMP F . 34.46 -15.43 -12.31
O3' AMP F . 35.80 -14.97 -12.53
C2' AMP F . 34.23 -16.70 -13.14
O2' AMP F . 34.81 -16.69 -14.43
C1' AMP F . 34.85 -17.76 -12.24
N9 AMP F . 34.30 -19.10 -12.43
C8 AMP F . 33.00 -19.44 -12.50
N7 AMP F . 32.85 -20.77 -12.68
C5 AMP F . 34.07 -21.33 -12.72
C6 AMP F . 34.62 -22.68 -12.89
N6 AMP F . 33.81 -23.76 -13.04
N1 AMP F . 35.97 -22.82 -12.87
C2 AMP F . 36.80 -21.76 -12.72
N3 AMP F . 36.36 -20.50 -12.57
C4 AMP F . 35.03 -20.22 -12.56
#